data_3CWG
#
_entry.id   3CWG
#
_cell.length_a   254.779
_cell.length_b   254.779
_cell.length_c   123.781
_cell.angle_alpha   90.00
_cell.angle_beta   90.00
_cell.angle_gamma   120.00
#
_symmetry.space_group_name_H-M   'P 31 2 1'
#
_entity_poly.entity_id   1
_entity_poly.type   'polypeptide(L)'
_entity_poly.pdbx_seq_one_letter_code
;GQANHPTAAVVTEKQQMLEQHLQDVRKRVQDLEQKMKVVENLQDDFDFNYKTLKSQGDMQDLNGNNQSVTRQKMQQLEQM
LTALDQMRRSIVSELAGLLSAMEYVQKTLTDEELADWKRRQQIACIGGPPNICLDRLENWITSLAESQLQTRQQIKKLEE
LQQKVSYKGDPIVQHRPMLEERIVELFRNLMKSAFVVERQPCMPMHPDRPLVIKTGVQFTTKVRLLVKFPELNYQLKIKV
CIDKDSGDVAALRGSRKFNILGTNTKVMNMEESNNGSLSAEFKHLTLREQRCGNGGRANCDASLIVTEELHLITFETEVY
HQGLKIDLETHSLPVVVISNICQMPNAWASILWYNMLTNNPKNVNFFTKPPIGTWDQVAEVLSWQFSSTTKRGLSIEQLT
TLAEKLLGPGVNYSGCQITWAKFCKENMAGKGFSFWVWLDNIIDLVKKYILALWNEGYIMGFISKERERAILSTKPPGTF
LLRFSESSKEGGVTFTWVEKDISGKTQIQSVEPYTKQQLNNMSFAEIIMGYKIMDATNILVSPLVYLYPDIPKEEAFGKY
CR
;
_entity_poly.pdbx_strand_id   A,B
#
# COMPACT_ATOMS: atom_id res chain seq x y z
N VAL A 10 7.73 -6.47 -12.58
CA VAL A 10 8.50 -5.39 -11.88
C VAL A 10 9.60 -6.03 -11.04
N VAL A 11 10.53 -5.22 -10.52
CA VAL A 11 11.65 -5.73 -9.73
C VAL A 11 11.61 -5.24 -8.29
N THR A 12 11.68 -6.16 -7.33
CA THR A 12 11.69 -5.75 -5.93
C THR A 12 13.10 -5.25 -5.64
N GLU A 13 13.32 -4.79 -4.41
CA GLU A 13 14.63 -4.28 -4.03
C GLU A 13 15.50 -5.38 -3.43
N LYS A 14 14.90 -6.54 -3.23
CA LYS A 14 15.63 -7.68 -2.72
C LYS A 14 16.29 -8.27 -3.97
N GLN A 15 15.64 -8.04 -5.12
CA GLN A 15 16.10 -8.51 -6.43
C GLN A 15 17.22 -7.64 -6.96
N GLN A 16 17.27 -6.41 -6.47
CA GLN A 16 18.31 -5.49 -6.84
C GLN A 16 19.54 -6.12 -6.22
N MET A 17 19.46 -6.32 -4.91
CA MET A 17 20.55 -6.91 -4.15
C MET A 17 21.02 -8.20 -4.75
N LEU A 18 20.09 -8.96 -5.33
CA LEU A 18 20.45 -10.23 -5.93
C LEU A 18 21.17 -10.05 -7.25
N GLU A 19 20.51 -9.48 -8.26
CA GLU A 19 21.18 -9.30 -9.55
C GLU A 19 22.47 -8.51 -9.28
N GLN A 20 22.57 -7.97 -8.07
CA GLN A 20 23.74 -7.24 -7.63
C GLN A 20 24.76 -8.28 -7.24
N HIS A 21 24.58 -8.83 -6.04
CA HIS A 21 25.40 -9.89 -5.49
C HIS A 21 26.05 -10.68 -6.65
N LEU A 22 25.19 -11.10 -7.59
CA LEU A 22 25.59 -11.88 -8.76
C LEU A 22 26.64 -11.28 -9.69
N GLN A 23 26.57 -9.97 -9.90
CA GLN A 23 27.55 -9.35 -10.77
C GLN A 23 28.84 -9.09 -10.02
N ASP A 24 28.76 -9.05 -8.69
CA ASP A 24 29.95 -8.85 -7.86
C ASP A 24 30.78 -10.11 -7.87
N VAL A 25 30.08 -11.25 -7.97
CA VAL A 25 30.72 -12.55 -8.02
C VAL A 25 31.18 -12.73 -9.45
N ARG A 26 30.32 -12.33 -10.39
CA ARG A 26 30.65 -12.43 -11.79
C ARG A 26 31.96 -11.68 -11.96
N LYS A 27 32.15 -10.66 -11.13
CA LYS A 27 33.33 -9.81 -11.17
C LYS A 27 34.58 -10.35 -10.50
N ARG A 28 34.41 -11.09 -9.41
CA ARG A 28 35.55 -11.66 -8.70
C ARG A 28 36.16 -12.79 -9.48
N VAL A 29 35.36 -13.36 -10.37
CA VAL A 29 35.82 -14.47 -11.19
C VAL A 29 36.54 -13.91 -12.42
N GLN A 30 36.56 -12.60 -12.52
CA GLN A 30 37.23 -11.89 -13.60
C GLN A 30 38.63 -11.60 -13.11
N ASP A 31 38.66 -11.24 -11.84
CA ASP A 31 39.85 -10.90 -11.09
C ASP A 31 40.66 -12.15 -10.85
N LEU A 32 40.00 -13.18 -10.33
CA LEU A 32 40.69 -14.44 -10.10
C LEU A 32 41.16 -14.89 -11.47
N GLU A 33 40.31 -14.67 -12.47
CA GLU A 33 40.59 -15.01 -13.86
C GLU A 33 41.98 -14.48 -14.20
N GLN A 34 42.18 -13.21 -13.86
CA GLN A 34 43.42 -12.49 -14.11
C GLN A 34 44.56 -12.96 -13.27
N LYS A 35 44.38 -12.88 -11.96
CA LYS A 35 45.41 -13.32 -11.04
C LYS A 35 46.00 -14.64 -11.53
N MET A 36 45.14 -15.63 -11.76
CA MET A 36 45.63 -16.92 -12.24
C MET A 36 46.56 -16.78 -13.44
N LYS A 37 46.15 -16.00 -14.42
CA LYS A 37 46.96 -15.82 -15.62
C LYS A 37 48.33 -15.24 -15.31
N VAL A 38 48.35 -14.17 -14.53
CA VAL A 38 49.59 -13.51 -14.16
C VAL A 38 50.58 -14.42 -13.42
N VAL A 39 50.07 -15.09 -12.39
CA VAL A 39 50.87 -15.99 -11.59
C VAL A 39 51.37 -17.18 -12.42
N GLU A 40 50.59 -17.63 -13.39
CA GLU A 40 51.01 -18.73 -14.23
C GLU A 40 52.25 -18.34 -14.99
N ASN A 41 52.27 -17.09 -15.46
CA ASN A 41 53.40 -16.55 -16.21
C ASN A 41 54.64 -16.40 -15.35
N LEU A 42 54.48 -15.73 -14.21
CA LEU A 42 55.59 -15.52 -13.29
C LEU A 42 56.14 -16.89 -12.83
N GLN A 43 55.40 -17.98 -13.05
CA GLN A 43 55.86 -19.32 -12.68
C GLN A 43 56.56 -20.02 -13.84
N ASP A 44 56.33 -19.52 -15.05
CA ASP A 44 56.95 -20.09 -16.25
C ASP A 44 58.32 -19.47 -16.41
N ASP A 45 58.44 -18.23 -15.97
CA ASP A 45 59.70 -17.54 -16.02
C ASP A 45 60.57 -18.35 -15.09
N PHE A 46 60.03 -18.63 -13.91
CA PHE A 46 60.71 -19.42 -12.89
C PHE A 46 61.15 -20.79 -13.41
N ASP A 47 60.23 -21.47 -14.10
CA ASP A 47 60.52 -22.78 -14.65
C ASP A 47 61.64 -22.67 -15.68
N PHE A 48 61.56 -21.65 -16.53
CA PHE A 48 62.58 -21.44 -17.54
C PHE A 48 63.94 -21.08 -16.91
N ASN A 49 63.92 -20.13 -15.96
CA ASN A 49 65.14 -19.68 -15.27
C ASN A 49 65.81 -20.85 -14.56
N TYR A 50 65.00 -21.78 -14.05
CA TYR A 50 65.50 -22.94 -13.33
C TYR A 50 65.94 -24.05 -14.29
N LYS A 51 65.38 -24.07 -15.50
CA LYS A 51 65.74 -25.07 -16.51
C LYS A 51 66.85 -24.50 -17.41
N THR A 52 67.19 -23.24 -17.17
CA THR A 52 68.25 -22.54 -17.89
C THR A 52 69.54 -22.62 -17.06
N LEU A 53 69.37 -22.58 -15.73
CA LEU A 53 70.48 -22.68 -14.78
C LEU A 53 70.69 -24.18 -14.50
N LYS A 54 69.85 -25.00 -15.15
CA LYS A 54 69.88 -26.46 -15.05
C LYS A 54 70.75 -26.99 -16.18
N MET A 74 70.92 -17.45 -10.10
CA MET A 74 70.96 -18.49 -9.09
C MET A 74 69.99 -18.14 -7.96
N GLN A 75 69.82 -16.83 -7.76
CA GLN A 75 68.96 -16.27 -6.72
C GLN A 75 67.50 -16.04 -7.11
N GLN A 76 67.29 -15.49 -8.31
CA GLN A 76 65.96 -15.19 -8.84
C GLN A 76 65.16 -16.48 -9.05
N LEU A 77 65.26 -17.36 -8.07
CA LEU A 77 64.57 -18.64 -8.05
C LEU A 77 64.24 -18.79 -6.57
N GLU A 78 65.29 -18.67 -5.75
CA GLU A 78 65.15 -18.75 -4.30
C GLU A 78 64.10 -17.73 -3.88
N GLN A 79 64.07 -16.63 -4.62
CA GLN A 79 63.12 -15.54 -4.40
C GLN A 79 61.86 -15.75 -5.22
N MET A 80 62.03 -15.88 -6.53
CA MET A 80 60.89 -16.09 -7.42
C MET A 80 59.90 -17.03 -6.76
N LEU A 81 60.44 -17.91 -5.91
CA LEU A 81 59.64 -18.89 -5.19
C LEU A 81 58.98 -18.31 -3.95
N THR A 82 59.73 -17.52 -3.21
CA THR A 82 59.20 -16.88 -2.00
C THR A 82 57.98 -16.07 -2.45
N ALA A 83 58.02 -15.64 -3.71
CA ALA A 83 56.97 -14.84 -4.34
C ALA A 83 55.81 -15.70 -4.82
N LEU A 84 56.13 -16.76 -5.56
CA LEU A 84 55.10 -17.64 -6.05
C LEU A 84 54.30 -18.16 -4.88
N ASP A 85 54.98 -18.40 -3.77
CA ASP A 85 54.27 -18.87 -2.60
C ASP A 85 53.26 -17.84 -2.10
N GLN A 86 53.63 -16.57 -2.19
CA GLN A 86 52.75 -15.49 -1.73
C GLN A 86 51.57 -15.29 -2.68
N MET A 87 51.72 -15.78 -3.91
CA MET A 87 50.67 -15.71 -4.91
C MET A 87 49.67 -16.74 -4.47
N ARG A 88 50.15 -17.98 -4.45
CA ARG A 88 49.36 -19.11 -4.05
C ARG A 88 48.55 -18.74 -2.81
N ARG A 89 49.22 -18.19 -1.80
CA ARG A 89 48.52 -17.80 -0.58
C ARG A 89 47.33 -16.88 -0.87
N SER A 90 47.57 -15.84 -1.64
CA SER A 90 46.55 -14.86 -1.98
C SER A 90 45.44 -15.46 -2.81
N ILE A 91 45.82 -16.11 -3.89
CA ILE A 91 44.86 -16.72 -4.79
C ILE A 91 43.92 -17.66 -4.05
N VAL A 92 44.51 -18.52 -3.23
CA VAL A 92 43.76 -19.50 -2.47
C VAL A 92 42.81 -18.88 -1.43
N SER A 93 43.25 -17.84 -0.74
CA SER A 93 42.40 -17.19 0.24
C SER A 93 41.35 -16.34 -0.47
N GLU A 94 41.66 -16.01 -1.72
CA GLU A 94 40.76 -15.20 -2.54
C GLU A 94 39.58 -16.08 -2.97
N LEU A 95 39.87 -17.33 -3.30
CA LEU A 95 38.86 -18.30 -3.68
C LEU A 95 37.99 -18.68 -2.47
N ALA A 96 38.62 -18.95 -1.34
CA ALA A 96 37.87 -19.29 -0.14
C ALA A 96 36.80 -18.23 0.05
N GLY A 97 37.22 -16.97 0.05
CA GLY A 97 36.29 -15.87 0.22
C GLY A 97 35.23 -15.79 -0.87
N LEU A 98 35.63 -16.06 -2.12
CA LEU A 98 34.70 -16.02 -3.25
C LEU A 98 33.62 -17.09 -3.08
N LEU A 99 34.00 -18.25 -2.56
CA LEU A 99 33.06 -19.33 -2.34
C LEU A 99 32.12 -18.95 -1.21
N SER A 100 32.68 -18.42 -0.13
CA SER A 100 31.85 -18.02 0.99
C SER A 100 30.78 -17.07 0.47
N ALA A 101 31.11 -16.35 -0.59
CA ALA A 101 30.22 -15.39 -1.21
C ALA A 101 29.11 -16.02 -2.05
N MET A 102 29.46 -17.08 -2.78
CA MET A 102 28.50 -17.78 -3.61
C MET A 102 27.55 -18.54 -2.72
N GLU A 103 28.07 -19.04 -1.59
CA GLU A 103 27.26 -19.78 -0.63
C GLU A 103 26.11 -18.89 -0.21
N TYR A 104 26.44 -17.63 0.03
CA TYR A 104 25.45 -16.65 0.46
C TYR A 104 24.32 -16.41 -0.55
N VAL A 105 24.68 -15.89 -1.72
CA VAL A 105 23.73 -15.59 -2.77
C VAL A 105 22.89 -16.77 -3.24
N GLN A 106 23.48 -17.96 -3.26
CA GLN A 106 22.73 -19.14 -3.69
C GLN A 106 21.57 -19.32 -2.73
N LYS A 107 21.83 -19.14 -1.44
CA LYS A 107 20.78 -19.27 -0.45
C LYS A 107 19.70 -18.22 -0.60
N THR A 108 20.08 -17.02 -1.04
CA THR A 108 19.12 -15.94 -1.24
C THR A 108 18.34 -16.23 -2.54
N LEU A 109 18.96 -16.99 -3.42
CA LEU A 109 18.32 -17.33 -4.69
C LEU A 109 17.36 -18.46 -4.47
N THR A 110 17.91 -19.60 -4.07
CA THR A 110 17.15 -20.82 -3.83
C THR A 110 16.13 -20.75 -2.70
N ASP A 111 16.62 -20.63 -1.47
CA ASP A 111 15.76 -20.57 -0.31
C ASP A 111 14.87 -19.34 -0.18
N GLU A 112 15.14 -18.31 -0.96
CA GLU A 112 14.30 -17.13 -0.84
C GLU A 112 13.54 -16.77 -2.08
N GLU A 113 14.23 -16.38 -3.14
CA GLU A 113 13.52 -16.00 -4.36
C GLU A 113 13.01 -17.17 -5.21
N LEU A 114 13.27 -18.40 -4.78
CA LEU A 114 12.76 -19.55 -5.52
C LEU A 114 11.57 -20.08 -4.72
N ALA A 115 11.74 -20.19 -3.40
CA ALA A 115 10.65 -20.64 -2.55
C ALA A 115 9.48 -19.72 -2.89
N ASP A 116 9.80 -18.43 -3.01
CA ASP A 116 8.86 -17.36 -3.34
C ASP A 116 8.06 -17.68 -4.60
N TRP A 117 8.76 -18.17 -5.61
CA TRP A 117 8.14 -18.51 -6.87
C TRP A 117 7.28 -19.74 -6.72
N LYS A 118 7.83 -20.77 -6.07
CA LYS A 118 7.13 -22.03 -5.89
C LYS A 118 5.78 -21.84 -5.21
N ARG A 119 5.75 -20.93 -4.24
CA ARG A 119 4.53 -20.62 -3.52
C ARG A 119 3.58 -19.81 -4.39
N ARG A 120 4.15 -18.98 -5.24
CA ARG A 120 3.40 -18.13 -6.16
C ARG A 120 2.85 -18.97 -7.29
N GLN A 121 3.39 -20.17 -7.45
CA GLN A 121 2.92 -21.12 -8.46
C GLN A 121 1.68 -21.74 -7.81
N GLN A 122 1.89 -22.28 -6.61
CA GLN A 122 0.84 -22.89 -5.79
C GLN A 122 -0.44 -22.06 -5.95
N ILE A 123 -0.31 -20.80 -5.58
CA ILE A 123 -1.39 -19.83 -5.62
C ILE A 123 -1.96 -19.51 -7.01
N ALA A 124 -1.14 -19.56 -8.05
CA ALA A 124 -1.62 -19.27 -9.39
C ALA A 124 -2.31 -20.48 -9.99
N CYS A 125 -2.21 -21.60 -9.27
CA CYS A 125 -2.82 -22.86 -9.68
C CYS A 125 -4.31 -22.77 -9.41
N ILE A 126 -4.61 -22.33 -8.19
CA ILE A 126 -5.98 -22.16 -7.72
C ILE A 126 -6.54 -20.77 -8.04
N GLY A 127 -6.26 -20.31 -9.26
CA GLY A 127 -6.73 -19.02 -9.75
C GLY A 127 -6.21 -17.74 -9.11
N GLY A 128 -5.10 -17.82 -8.38
CA GLY A 128 -4.56 -16.63 -7.73
C GLY A 128 -3.78 -15.68 -8.62
N PRO A 129 -3.40 -14.47 -8.12
CA PRO A 129 -2.64 -13.51 -8.94
C PRO A 129 -1.39 -14.20 -9.53
N PRO A 130 -1.46 -14.57 -10.82
CA PRO A 130 -0.38 -15.24 -11.56
C PRO A 130 1.04 -14.65 -11.53
N ASN A 131 1.72 -14.79 -12.67
CA ASN A 131 3.09 -14.34 -12.85
C ASN A 131 4.01 -15.22 -12.03
N ILE A 132 4.51 -16.24 -12.70
CA ILE A 132 5.42 -17.20 -12.11
C ILE A 132 6.39 -17.55 -13.25
N CYS A 133 6.77 -16.52 -13.97
CA CYS A 133 7.68 -16.63 -15.11
C CYS A 133 9.10 -16.95 -14.69
N LEU A 134 9.54 -18.18 -14.98
CA LEU A 134 10.87 -18.66 -14.60
C LEU A 134 12.08 -17.96 -15.21
N ASP A 135 11.86 -16.94 -16.04
CA ASP A 135 12.97 -16.24 -16.66
C ASP A 135 13.94 -15.56 -15.71
N ARG A 136 13.45 -14.61 -14.93
CA ARG A 136 14.33 -13.91 -14.00
C ARG A 136 15.16 -14.89 -13.20
N LEU A 137 14.50 -15.92 -12.70
CA LEU A 137 15.18 -16.94 -11.91
C LEU A 137 16.15 -17.76 -12.73
N GLU A 138 15.86 -17.93 -14.02
CA GLU A 138 16.73 -18.73 -14.87
C GLU A 138 18.04 -18.02 -15.18
N ASN A 139 17.99 -16.71 -15.33
CA ASN A 139 19.18 -15.96 -15.64
C ASN A 139 20.04 -15.86 -14.40
N TRP A 140 19.40 -15.68 -13.26
CA TRP A 140 20.14 -15.60 -12.01
C TRP A 140 20.82 -16.92 -11.69
N ILE A 141 20.08 -18.01 -11.86
CA ILE A 141 20.63 -19.31 -11.59
C ILE A 141 21.64 -19.66 -12.67
N THR A 142 21.31 -19.35 -13.93
CA THR A 142 22.21 -19.64 -15.03
C THR A 142 23.51 -18.86 -14.81
N SER A 143 23.39 -17.59 -14.44
CA SER A 143 24.54 -16.75 -14.18
C SER A 143 25.39 -17.29 -13.04
N LEU A 144 24.76 -17.65 -11.93
CA LEU A 144 25.48 -18.19 -10.77
C LEU A 144 26.22 -19.49 -11.08
N ALA A 145 25.55 -20.39 -11.78
CA ALA A 145 26.15 -21.67 -12.13
C ALA A 145 27.28 -21.50 -13.14
N GLU A 146 27.21 -20.46 -13.97
CA GLU A 146 28.24 -20.19 -14.97
C GLU A 146 29.49 -19.79 -14.22
N SER A 147 29.30 -18.98 -13.19
CA SER A 147 30.40 -18.53 -12.35
C SER A 147 31.00 -19.73 -11.64
N GLN A 148 30.21 -20.38 -10.80
CA GLN A 148 30.67 -21.54 -10.05
C GLN A 148 31.45 -22.51 -10.92
N LEU A 149 31.07 -22.63 -12.19
CA LEU A 149 31.73 -23.55 -13.09
C LEU A 149 33.09 -23.01 -13.61
N GLN A 150 33.30 -21.70 -13.54
CA GLN A 150 34.57 -21.14 -13.97
C GLN A 150 35.47 -21.21 -12.76
N THR A 151 34.85 -21.02 -11.60
CA THR A 151 35.54 -21.08 -10.31
C THR A 151 36.06 -22.50 -10.07
N ARG A 152 35.41 -23.49 -10.68
CA ARG A 152 35.84 -24.87 -10.52
C ARG A 152 37.03 -25.06 -11.42
N GLN A 153 37.02 -24.36 -12.54
CA GLN A 153 38.09 -24.43 -13.53
C GLN A 153 39.33 -23.61 -13.12
N GLN A 154 39.17 -22.87 -12.03
CA GLN A 154 40.25 -22.08 -11.47
C GLN A 154 40.96 -23.00 -10.52
N ILE A 155 40.17 -23.57 -9.60
CA ILE A 155 40.65 -24.48 -8.58
C ILE A 155 41.35 -25.66 -9.27
N LYS A 156 40.95 -25.94 -10.51
CA LYS A 156 41.56 -27.02 -11.29
C LYS A 156 42.89 -26.54 -11.85
N LYS A 157 42.95 -25.24 -12.16
CA LYS A 157 44.15 -24.62 -12.69
C LYS A 157 45.22 -24.55 -11.59
N LEU A 158 44.80 -24.65 -10.34
CA LEU A 158 45.69 -24.63 -9.18
C LEU A 158 46.38 -25.97 -9.03
N GLU A 159 45.60 -27.05 -9.14
CA GLU A 159 46.16 -28.38 -9.02
C GLU A 159 47.03 -28.64 -10.25
N GLU A 160 47.15 -27.64 -11.14
CA GLU A 160 47.97 -27.76 -12.36
C GLU A 160 49.40 -27.39 -11.99
N LEU A 161 49.53 -26.47 -11.05
CA LEU A 161 50.78 -25.97 -10.53
C LEU A 161 51.15 -26.87 -9.32
N GLN A 162 50.14 -27.41 -8.63
CA GLN A 162 50.30 -28.35 -7.49
C GLN A 162 51.11 -29.49 -8.12
N GLN A 163 51.31 -29.40 -9.45
CA GLN A 163 52.01 -30.39 -10.29
C GLN A 163 53.21 -29.94 -11.10
N LYS A 164 53.32 -28.65 -11.39
CA LYS A 164 54.45 -28.16 -12.18
C LYS A 164 55.52 -27.60 -11.27
N VAL A 165 55.09 -27.10 -10.12
CA VAL A 165 55.98 -26.54 -9.13
C VAL A 165 55.33 -26.78 -7.77
N SER A 166 56.03 -27.54 -6.92
CA SER A 166 55.54 -27.83 -5.58
C SER A 166 56.71 -27.78 -4.61
N TYR A 167 56.38 -27.84 -3.33
CA TYR A 167 57.41 -27.73 -2.30
C TYR A 167 56.77 -27.98 -0.93
N LYS A 168 57.59 -28.17 0.10
CA LYS A 168 57.00 -28.41 1.40
C LYS A 168 56.42 -27.10 1.90
N GLY A 169 55.12 -27.12 2.17
CA GLY A 169 54.42 -25.94 2.64
C GLY A 169 53.58 -25.35 1.52
N ASP A 170 53.42 -26.14 0.46
CA ASP A 170 52.66 -25.74 -0.72
C ASP A 170 51.22 -25.49 -0.30
N PRO A 171 50.76 -24.22 -0.42
CA PRO A 171 49.40 -23.82 -0.04
C PRO A 171 48.36 -24.60 -0.84
N ILE A 172 48.63 -24.75 -2.13
CA ILE A 172 47.73 -25.45 -3.02
C ILE A 172 47.36 -26.81 -2.45
N VAL A 173 48.35 -27.67 -2.35
CA VAL A 173 48.17 -29.04 -1.87
C VAL A 173 47.30 -29.25 -0.63
N GLN A 174 47.21 -28.25 0.23
CA GLN A 174 46.43 -28.39 1.44
C GLN A 174 45.23 -27.47 1.47
N HIS A 175 44.77 -27.00 0.31
CA HIS A 175 43.63 -26.10 0.24
C HIS A 175 42.80 -26.35 -1.00
N ARG A 176 43.46 -26.82 -2.05
CA ARG A 176 42.78 -27.08 -3.31
C ARG A 176 41.83 -28.26 -3.20
N PRO A 177 42.20 -29.31 -2.45
CA PRO A 177 41.29 -30.46 -2.33
C PRO A 177 40.06 -29.94 -1.63
N MET A 178 40.33 -29.02 -0.73
CA MET A 178 39.34 -28.36 0.08
C MET A 178 38.32 -27.59 -0.72
N LEU A 179 38.82 -26.56 -1.42
CA LEU A 179 38.01 -25.70 -2.26
C LEU A 179 37.25 -26.50 -3.31
N GLU A 180 37.95 -27.41 -3.99
CA GLU A 180 37.30 -28.24 -4.99
C GLU A 180 36.02 -28.77 -4.39
N GLU A 181 36.20 -29.55 -3.33
CA GLU A 181 35.13 -30.16 -2.58
C GLU A 181 33.99 -29.18 -2.31
N ARG A 182 34.36 -28.00 -1.81
CA ARG A 182 33.40 -26.96 -1.49
C ARG A 182 32.58 -26.45 -2.66
N ILE A 183 33.25 -26.09 -3.74
CA ILE A 183 32.56 -25.55 -4.92
C ILE A 183 31.68 -26.58 -5.58
N VAL A 184 32.14 -27.83 -5.60
CA VAL A 184 31.36 -28.93 -6.18
C VAL A 184 30.05 -29.02 -5.38
N GLU A 185 30.16 -28.89 -4.07
CA GLU A 185 28.98 -28.92 -3.22
C GLU A 185 27.99 -27.89 -3.76
N LEU A 186 28.38 -26.62 -3.71
CA LEU A 186 27.56 -25.51 -4.18
C LEU A 186 26.85 -25.74 -5.51
N PHE A 187 27.56 -26.29 -6.48
CA PHE A 187 26.96 -26.54 -7.78
C PHE A 187 25.94 -27.67 -7.70
N ARG A 188 26.35 -28.75 -7.04
CA ARG A 188 25.52 -29.93 -6.83
C ARG A 188 24.12 -29.51 -6.34
N ASN A 189 24.07 -28.60 -5.37
CA ASN A 189 22.80 -28.12 -4.84
C ASN A 189 22.13 -27.15 -5.76
N LEU A 190 22.87 -26.14 -6.20
CA LEU A 190 22.31 -25.16 -7.13
C LEU A 190 21.66 -25.90 -8.29
N MET A 191 22.39 -26.90 -8.79
CA MET A 191 21.93 -27.75 -9.89
C MET A 191 20.62 -28.47 -9.59
N LYS A 192 20.58 -29.13 -8.44
CA LYS A 192 19.42 -29.86 -8.01
C LYS A 192 18.20 -28.93 -7.87
N SER A 193 18.40 -27.82 -7.17
CA SER A 193 17.33 -26.87 -6.98
C SER A 193 16.80 -26.28 -8.28
N ALA A 194 17.68 -26.14 -9.27
CA ALA A 194 17.32 -25.56 -10.57
C ALA A 194 16.34 -26.41 -11.34
N PHE A 195 16.08 -27.60 -10.81
CA PHE A 195 15.15 -28.56 -11.41
C PHE A 195 13.75 -28.37 -10.82
N VAL A 196 12.81 -27.94 -11.65
CA VAL A 196 11.45 -27.67 -11.18
C VAL A 196 10.39 -28.27 -12.09
N VAL A 197 9.12 -28.03 -11.72
CA VAL A 197 7.97 -28.47 -12.50
C VAL A 197 7.38 -27.17 -13.00
N GLU A 198 7.75 -26.81 -14.22
CA GLU A 198 7.31 -25.58 -14.87
C GLU A 198 5.81 -25.43 -14.95
N ARG A 199 5.16 -26.46 -15.46
CA ARG A 199 3.71 -26.46 -15.56
C ARG A 199 3.22 -27.76 -14.94
N GLN A 200 2.45 -27.63 -13.86
CA GLN A 200 1.91 -28.77 -13.14
C GLN A 200 1.06 -29.72 -14.02
N PRO A 201 0.86 -30.98 -13.55
CA PRO A 201 0.09 -32.02 -14.25
C PRO A 201 -1.37 -31.63 -14.43
N CYS A 202 -1.90 -31.73 -15.64
CA CYS A 202 -3.30 -31.37 -15.84
C CYS A 202 -3.89 -31.84 -17.16
N MET A 203 -5.08 -32.46 -17.10
CA MET A 203 -5.76 -32.95 -18.29
C MET A 203 -6.10 -31.78 -19.19
N PRO A 204 -5.61 -31.78 -20.45
CA PRO A 204 -5.86 -30.70 -21.40
C PRO A 204 -7.33 -30.30 -21.59
N MET A 205 -8.23 -31.19 -21.18
CA MET A 205 -9.66 -30.94 -21.32
C MET A 205 -10.30 -30.41 -20.04
N HIS A 206 -9.48 -30.23 -19.01
CA HIS A 206 -9.92 -29.71 -17.72
C HIS A 206 -8.84 -28.75 -17.29
N PRO A 207 -8.49 -27.79 -18.17
CA PRO A 207 -7.46 -26.78 -17.92
C PRO A 207 -7.60 -26.08 -16.57
N ASP A 208 -8.82 -25.78 -16.18
CA ASP A 208 -9.06 -25.10 -14.92
C ASP A 208 -9.11 -26.07 -13.75
N ARG A 209 -8.80 -27.33 -14.01
CA ARG A 209 -8.80 -28.35 -12.98
C ARG A 209 -7.47 -29.09 -12.90
N PRO A 210 -6.40 -28.36 -12.54
CA PRO A 210 -5.03 -28.84 -12.38
C PRO A 210 -4.85 -29.59 -11.07
N LEU A 211 -3.99 -30.60 -11.08
CA LEU A 211 -3.71 -31.45 -9.91
C LEU A 211 -4.82 -32.45 -9.58
N VAL A 212 -5.87 -32.46 -10.41
CA VAL A 212 -6.99 -33.38 -10.29
C VAL A 212 -7.06 -34.09 -11.63
N ILE A 213 -6.72 -35.37 -11.63
CA ILE A 213 -6.72 -36.16 -12.85
C ILE A 213 -7.53 -37.45 -12.72
N LYS A 214 -8.33 -37.71 -13.76
CA LYS A 214 -9.18 -38.91 -13.85
C LYS A 214 -8.41 -40.05 -14.56
N THR A 215 -8.30 -41.21 -13.91
CA THR A 215 -7.58 -42.37 -14.48
C THR A 215 -8.13 -42.77 -15.84
N GLY A 216 -7.24 -42.98 -16.80
CA GLY A 216 -7.70 -43.34 -18.12
C GLY A 216 -7.70 -42.09 -18.98
N VAL A 217 -7.52 -40.93 -18.34
CA VAL A 217 -7.47 -39.67 -19.09
C VAL A 217 -6.03 -39.27 -19.37
N GLN A 218 -5.85 -38.67 -20.53
CA GLN A 218 -4.55 -38.25 -20.99
C GLN A 218 -4.29 -36.80 -20.63
N PHE A 219 -3.13 -36.57 -20.01
CA PHE A 219 -2.74 -35.22 -19.61
C PHE A 219 -1.37 -34.80 -20.15
N THR A 220 -0.85 -33.71 -19.59
CA THR A 220 0.42 -33.14 -20.00
C THR A 220 1.04 -32.29 -18.87
N THR A 221 2.23 -32.68 -18.45
CA THR A 221 2.98 -31.97 -17.42
C THR A 221 4.27 -31.39 -18.08
N LYS A 222 5.16 -30.78 -17.30
CA LYS A 222 6.38 -30.20 -17.88
C LYS A 222 7.46 -29.76 -16.87
N VAL A 223 8.68 -30.25 -17.06
CA VAL A 223 9.79 -29.88 -16.18
C VAL A 223 10.74 -28.91 -16.87
N ARG A 224 11.54 -28.24 -16.04
CA ARG A 224 12.52 -27.28 -16.51
C ARG A 224 13.76 -27.24 -15.63
N LEU A 225 14.91 -27.12 -16.29
CA LEU A 225 16.17 -26.98 -15.56
C LEU A 225 16.60 -25.54 -15.81
N LEU A 226 16.64 -24.82 -14.68
CA LEU A 226 16.98 -23.40 -14.62
C LEU A 226 18.46 -23.08 -14.67
N VAL A 227 19.25 -24.06 -15.11
CA VAL A 227 20.69 -23.89 -15.29
C VAL A 227 20.77 -24.14 -16.77
N LYS A 228 20.37 -23.12 -17.54
CA LYS A 228 20.35 -23.16 -18.98
C LYS A 228 21.76 -23.33 -19.60
N PHE A 229 22.17 -24.58 -19.78
CA PHE A 229 23.47 -24.90 -20.37
C PHE A 229 23.32 -25.54 -21.71
N PRO A 230 23.79 -24.86 -22.77
CA PRO A 230 23.70 -25.36 -24.15
C PRO A 230 24.37 -26.73 -24.36
N GLU A 231 25.41 -27.02 -23.59
CA GLU A 231 26.15 -28.28 -23.69
C GLU A 231 25.24 -29.43 -23.28
N LEU A 232 24.46 -29.21 -22.23
CA LEU A 232 23.53 -30.21 -21.68
C LEU A 232 22.38 -30.57 -22.61
N ASN A 233 22.07 -29.66 -23.53
CA ASN A 233 21.00 -29.87 -24.47
C ASN A 233 20.96 -31.27 -25.07
N TYR A 234 19.79 -31.91 -25.00
CA TYR A 234 19.54 -33.26 -25.52
C TYR A 234 20.17 -34.36 -24.69
N GLN A 235 21.04 -33.96 -23.77
CA GLN A 235 21.78 -34.91 -22.96
C GLN A 235 21.05 -35.41 -21.71
N LEU A 236 19.81 -34.97 -21.51
CA LEU A 236 19.08 -35.42 -20.33
C LEU A 236 17.74 -36.06 -20.57
N LYS A 237 17.63 -37.30 -20.13
CA LYS A 237 16.40 -38.07 -20.27
C LYS A 237 15.66 -38.07 -18.93
N ILE A 238 14.44 -37.56 -18.93
CA ILE A 238 13.65 -37.50 -17.70
C ILE A 238 12.69 -38.68 -17.61
N LYS A 239 12.62 -39.28 -16.45
CA LYS A 239 11.73 -40.39 -16.26
C LYS A 239 10.76 -40.11 -15.13
N VAL A 240 9.51 -39.89 -15.51
CA VAL A 240 8.46 -39.61 -14.55
C VAL A 240 7.80 -40.91 -14.06
N CYS A 241 7.75 -41.08 -12.75
CA CYS A 241 7.14 -42.25 -12.18
C CYS A 241 5.84 -41.82 -11.46
N ILE A 242 5.50 -42.51 -10.37
CA ILE A 242 4.31 -42.21 -9.59
C ILE A 242 4.25 -43.09 -8.33
N ASP A 243 4.59 -42.52 -7.19
CA ASP A 243 4.60 -43.22 -5.91
C ASP A 243 5.63 -44.34 -5.90
N LYS A 244 6.62 -44.21 -5.02
CA LYS A 244 7.67 -45.23 -4.90
C LYS A 244 8.34 -45.16 -3.53
N ARG A 253 -0.38 -44.76 4.11
CA ARG A 253 -0.46 -46.20 3.92
C ARG A 253 -1.90 -46.60 3.56
N GLY A 254 -2.05 -47.79 2.97
CA GLY A 254 -3.37 -48.28 2.59
C GLY A 254 -3.88 -47.67 1.31
N SER A 255 -3.32 -46.53 0.94
CA SER A 255 -3.72 -45.79 -0.25
C SER A 255 -3.64 -46.59 -1.55
N ARG A 256 -4.30 -46.07 -2.58
CA ARG A 256 -4.33 -46.71 -3.90
C ARG A 256 -3.07 -46.32 -4.67
N LYS A 257 -2.24 -47.29 -5.03
CA LYS A 257 -1.05 -46.96 -5.80
C LYS A 257 -1.41 -47.05 -7.27
N PHE A 258 -1.02 -46.01 -8.02
CA PHE A 258 -1.30 -45.94 -9.45
C PHE A 258 -0.03 -46.15 -10.28
N ASN A 259 -0.16 -45.93 -11.58
CA ASN A 259 0.95 -46.08 -12.51
C ASN A 259 0.65 -45.32 -13.78
N ILE A 260 1.59 -44.47 -14.17
CA ILE A 260 1.45 -43.65 -15.37
C ILE A 260 1.70 -44.53 -16.61
N LEU A 261 1.16 -44.12 -17.76
CA LEU A 261 1.30 -44.89 -19.00
C LEU A 261 1.59 -44.04 -20.25
N GLY A 262 2.14 -44.68 -21.28
CA GLY A 262 2.46 -44.00 -22.53
C GLY A 262 3.94 -43.72 -22.70
N THR A 263 4.26 -42.63 -23.38
CA THR A 263 5.66 -42.25 -23.58
C THR A 263 6.10 -41.81 -22.18
N ASN A 264 6.46 -42.81 -21.39
CA ASN A 264 6.87 -42.64 -20.02
C ASN A 264 8.06 -41.69 -19.77
N THR A 265 8.97 -41.58 -20.73
CA THR A 265 10.13 -40.70 -20.58
C THR A 265 10.28 -39.71 -21.74
N LYS A 266 10.92 -38.60 -21.45
CA LYS A 266 11.15 -37.57 -22.44
C LYS A 266 12.59 -37.03 -22.30
N VAL A 267 13.14 -36.54 -23.41
CA VAL A 267 14.50 -35.99 -23.39
C VAL A 267 14.44 -34.48 -23.22
N MET A 268 15.29 -33.94 -22.35
CA MET A 268 15.29 -32.52 -22.11
C MET A 268 16.05 -31.81 -23.20
N ASN A 269 15.46 -30.72 -23.70
CA ASN A 269 16.09 -29.95 -24.76
C ASN A 269 15.53 -28.55 -24.83
N MET A 270 16.26 -27.70 -25.55
CA MET A 270 15.93 -26.29 -25.74
C MET A 270 15.20 -26.11 -27.07
N GLU A 271 13.87 -26.10 -27.01
CA GLU A 271 13.04 -25.95 -28.22
C GLU A 271 12.40 -24.55 -28.35
N GLU A 272 11.25 -24.36 -27.70
CA GLU A 272 10.51 -23.10 -27.73
C GLU A 272 11.32 -21.84 -27.43
N ASN A 275 11.64 -20.67 -24.85
CA ASN A 275 12.73 -19.70 -24.78
C ASN A 275 14.13 -20.36 -24.73
N GLY A 276 14.31 -21.45 -25.48
CA GLY A 276 15.59 -22.12 -25.47
C GLY A 276 16.07 -22.44 -24.06
N SER A 277 15.11 -22.78 -23.18
CA SER A 277 15.40 -23.14 -21.80
C SER A 277 15.36 -24.66 -21.71
N LEU A 278 16.12 -25.24 -20.80
CA LEU A 278 16.15 -26.70 -20.68
C LEU A 278 14.88 -27.29 -20.09
N SER A 279 14.05 -27.91 -20.93
CA SER A 279 12.81 -28.53 -20.47
C SER A 279 12.31 -29.72 -21.29
N ALA A 280 11.49 -30.54 -20.64
CA ALA A 280 10.88 -31.72 -21.25
C ALA A 280 9.39 -31.82 -20.87
N GLU A 281 8.50 -31.67 -21.87
CA GLU A 281 7.06 -31.74 -21.67
C GLU A 281 6.54 -33.16 -21.91
N PHE A 282 5.71 -33.65 -21.01
CA PHE A 282 5.17 -35.00 -21.15
C PHE A 282 3.73 -35.07 -21.66
N LYS A 283 3.49 -34.62 -22.89
CA LYS A 283 2.14 -34.69 -23.47
C LYS A 283 1.72 -36.15 -23.66
N HIS A 284 0.41 -36.40 -23.60
CA HIS A 284 -0.13 -37.74 -23.80
C HIS A 284 0.14 -38.80 -22.72
N LEU A 285 0.09 -38.40 -21.45
CA LEU A 285 0.32 -39.35 -20.37
C LEU A 285 -1.00 -39.79 -19.75
N THR A 286 -1.18 -41.09 -19.60
CA THR A 286 -2.41 -41.65 -19.02
C THR A 286 -2.14 -42.34 -17.69
N LEU A 287 -3.21 -42.60 -16.95
CA LEU A 287 -3.11 -43.27 -15.67
C LEU A 287 -4.00 -44.50 -15.60
N ARG A 288 -3.70 -45.36 -14.64
CA ARG A 288 -4.48 -46.57 -14.41
C ARG A 288 -4.09 -46.98 -13.00
N GLU A 289 -4.80 -47.95 -12.45
CA GLU A 289 -4.50 -48.38 -11.09
C GLU A 289 -3.96 -49.77 -10.91
N GLN A 290 -2.85 -49.80 -10.18
CA GLN A 290 -2.16 -51.03 -9.85
C GLN A 290 -3.13 -51.72 -8.91
N ARG A 291 -3.77 -52.78 -9.39
CA ARG A 291 -4.73 -53.52 -8.57
C ARG A 291 -4.12 -54.87 -8.18
N CYS A 292 -4.87 -55.65 -7.40
CA CYS A 292 -4.45 -56.97 -6.93
C CYS A 292 -3.04 -56.93 -6.33
N ILE A 305 -10.43 -40.60 2.36
CA ILE A 305 -11.15 -41.17 1.23
C ILE A 305 -10.43 -40.90 -0.08
N VAL A 306 -11.21 -40.88 -1.16
CA VAL A 306 -10.71 -40.65 -2.51
C VAL A 306 -10.44 -39.19 -2.93
N THR A 307 -11.43 -38.31 -2.96
CA THR A 307 -11.18 -36.91 -3.32
C THR A 307 -10.40 -36.21 -2.21
N GLU A 308 -9.95 -37.00 -1.24
CA GLU A 308 -9.17 -36.50 -0.12
C GLU A 308 -7.86 -37.28 -0.03
N GLU A 309 -7.54 -37.95 -1.12
CA GLU A 309 -6.31 -38.75 -1.24
C GLU A 309 -5.33 -38.09 -2.21
N LEU A 310 -4.13 -37.82 -1.71
CA LEU A 310 -3.09 -37.15 -2.49
C LEU A 310 -1.96 -38.08 -2.88
N HIS A 311 -1.49 -37.90 -4.12
CA HIS A 311 -0.40 -38.69 -4.66
C HIS A 311 0.57 -37.70 -5.30
N LEU A 312 1.86 -38.07 -5.33
CA LEU A 312 2.91 -37.23 -5.90
C LEU A 312 3.54 -37.87 -7.14
N ILE A 313 3.93 -37.03 -8.11
CA ILE A 313 4.55 -37.53 -9.34
C ILE A 313 6.03 -37.11 -9.37
N THR A 314 6.91 -38.07 -9.60
CA THR A 314 8.34 -37.78 -9.60
C THR A 314 9.02 -37.85 -10.97
N PHE A 315 9.84 -36.84 -11.25
CA PHE A 315 10.60 -36.77 -12.49
C PHE A 315 12.05 -36.97 -12.09
N GLU A 316 12.81 -37.68 -12.91
CA GLU A 316 14.21 -37.91 -12.57
C GLU A 316 15.07 -38.10 -13.81
N THR A 317 16.36 -37.82 -13.64
CA THR A 317 17.36 -37.95 -14.68
C THR A 317 18.67 -37.61 -14.00
N GLU A 318 19.72 -38.34 -14.35
CA GLU A 318 21.03 -38.07 -13.78
C GLU A 318 21.75 -37.19 -14.78
N VAL A 319 22.78 -36.51 -14.32
CA VAL A 319 23.55 -35.65 -15.20
C VAL A 319 25.04 -35.92 -14.99
N TYR A 320 25.77 -35.95 -16.10
CA TYR A 320 27.23 -36.16 -16.10
C TYR A 320 27.81 -34.99 -16.89
N HIS A 321 28.58 -34.14 -16.21
CA HIS A 321 29.13 -32.97 -16.86
C HIS A 321 30.49 -32.59 -16.28
N GLN A 322 31.37 -32.11 -17.15
CA GLN A 322 32.69 -31.68 -16.73
C GLN A 322 33.20 -32.73 -15.72
N GLY A 323 32.73 -33.96 -15.89
CA GLY A 323 33.15 -35.05 -15.03
C GLY A 323 32.53 -35.13 -13.65
N LEU A 324 31.21 -35.11 -13.60
CA LEU A 324 30.49 -35.19 -12.33
C LEU A 324 29.15 -35.86 -12.50
N LYS A 325 28.70 -36.59 -11.48
CA LYS A 325 27.41 -37.24 -11.53
C LYS A 325 26.48 -36.52 -10.57
N ILE A 326 25.41 -35.94 -11.12
CA ILE A 326 24.45 -35.21 -10.33
C ILE A 326 23.12 -35.96 -10.22
N ASP A 327 22.59 -35.93 -9.02
CA ASP A 327 21.35 -36.58 -8.63
C ASP A 327 20.14 -35.63 -8.81
N LEU A 328 19.57 -35.58 -10.02
CA LEU A 328 18.42 -34.70 -10.29
C LEU A 328 17.06 -35.37 -10.19
N GLU A 329 16.13 -34.66 -9.55
CA GLU A 329 14.78 -35.15 -9.33
C GLU A 329 13.90 -34.12 -8.64
N THR A 330 12.71 -33.90 -9.19
CA THR A 330 11.74 -32.94 -8.65
C THR A 330 10.37 -33.66 -8.66
N HIS A 331 9.34 -33.08 -8.05
CA HIS A 331 8.01 -33.67 -8.05
C HIS A 331 6.93 -32.59 -8.20
N SER A 332 5.69 -32.99 -8.40
CA SER A 332 4.62 -32.02 -8.56
C SER A 332 3.82 -31.82 -7.29
N LEU A 333 3.04 -30.75 -7.28
CA LEU A 333 2.19 -30.45 -6.13
C LEU A 333 1.24 -31.61 -5.95
N PRO A 334 1.06 -32.09 -4.69
CA PRO A 334 0.15 -33.20 -4.42
C PRO A 334 -1.09 -33.22 -5.33
N VAL A 335 -1.44 -34.41 -5.84
CA VAL A 335 -2.59 -34.57 -6.74
C VAL A 335 -3.66 -35.54 -6.26
N VAL A 336 -4.91 -35.16 -6.53
CA VAL A 336 -6.04 -36.01 -6.19
C VAL A 336 -6.43 -36.68 -7.48
N VAL A 337 -6.48 -38.00 -7.43
CA VAL A 337 -6.87 -38.77 -8.59
C VAL A 337 -8.32 -39.23 -8.39
N ILE A 338 -9.11 -39.05 -9.44
CA ILE A 338 -10.52 -39.39 -9.42
C ILE A 338 -10.87 -40.55 -10.35
N SER A 339 -12.04 -41.13 -10.12
CA SER A 339 -12.55 -42.25 -10.91
C SER A 339 -13.57 -41.71 -11.91
N ASN A 340 -14.62 -41.07 -11.40
CA ASN A 340 -15.64 -40.49 -12.26
C ASN A 340 -15.58 -38.97 -12.18
N ILE A 341 -15.97 -38.32 -13.29
CA ILE A 341 -15.97 -36.86 -13.41
C ILE A 341 -16.91 -36.19 -12.42
N CYS A 342 -17.58 -37.01 -11.59
CA CYS A 342 -18.51 -36.50 -10.58
C CYS A 342 -17.72 -36.07 -9.33
N GLN A 343 -16.58 -36.72 -9.12
CA GLN A 343 -15.72 -36.41 -7.99
C GLN A 343 -14.89 -35.17 -8.29
N MET A 344 -15.05 -34.68 -9.52
CA MET A 344 -14.32 -33.50 -10.00
C MET A 344 -14.27 -32.38 -8.96
N PRO A 345 -15.44 -31.88 -8.53
CA PRO A 345 -15.47 -30.79 -7.54
C PRO A 345 -14.92 -31.13 -6.16
N ASN A 346 -15.48 -32.16 -5.54
CA ASN A 346 -15.06 -32.57 -4.19
C ASN A 346 -13.55 -32.68 -4.02
N ALA A 347 -12.85 -32.87 -5.15
CA ALA A 347 -11.39 -32.98 -5.17
C ALA A 347 -10.80 -31.57 -5.38
N TRP A 348 -11.23 -30.91 -6.45
CA TRP A 348 -10.77 -29.57 -6.75
C TRP A 348 -10.83 -28.78 -5.45
N ALA A 349 -11.73 -29.22 -4.58
CA ALA A 349 -11.94 -28.62 -3.27
C ALA A 349 -10.71 -28.86 -2.42
N SER A 350 -10.31 -30.13 -2.37
CA SER A 350 -9.13 -30.54 -1.61
C SER A 350 -7.92 -29.77 -2.13
N ILE A 351 -7.80 -29.73 -3.46
CA ILE A 351 -6.71 -29.00 -4.12
C ILE A 351 -6.62 -27.63 -3.48
N LEU A 352 -7.64 -26.81 -3.74
CA LEU A 352 -7.73 -25.46 -3.21
C LEU A 352 -7.39 -25.41 -1.71
N TRP A 353 -8.06 -26.23 -0.91
CA TRP A 353 -7.82 -26.25 0.53
C TRP A 353 -6.36 -26.47 0.90
N TYR A 354 -5.64 -27.25 0.09
CA TYR A 354 -4.23 -27.54 0.36
C TYR A 354 -3.33 -26.35 0.03
N ASN A 355 -3.52 -25.78 -1.15
CA ASN A 355 -2.73 -24.64 -1.55
C ASN A 355 -3.01 -23.47 -0.63
N MET A 356 -4.26 -23.08 -0.51
CA MET A 356 -4.65 -21.96 0.32
C MET A 356 -3.98 -21.98 1.69
N LEU A 357 -3.68 -23.19 2.19
CA LEU A 357 -3.06 -23.29 3.50
C LEU A 357 -1.55 -23.62 3.46
N THR A 358 -1.20 -24.88 3.72
CA THR A 358 0.21 -25.28 3.74
C THR A 358 0.86 -25.08 2.37
N ASN A 359 2.11 -24.62 2.38
CA ASN A 359 2.86 -24.43 1.15
C ASN A 359 3.86 -25.58 1.04
N ASN A 360 3.65 -26.61 1.85
CA ASN A 360 4.49 -27.80 1.85
C ASN A 360 4.17 -28.52 0.53
N PRO A 361 5.21 -28.86 -0.28
CA PRO A 361 5.00 -29.55 -1.56
C PRO A 361 4.78 -31.05 -1.40
N LYS A 362 5.39 -31.60 -0.35
CA LYS A 362 5.31 -33.02 -0.06
C LYS A 362 4.63 -33.29 1.29
N ASN A 363 3.31 -33.46 1.25
CA ASN A 363 2.52 -33.78 2.43
C ASN A 363 1.15 -34.24 1.96
N VAL A 364 1.11 -35.44 1.42
CA VAL A 364 -0.10 -36.06 0.90
C VAL A 364 -1.16 -36.28 1.99
N ASN A 365 -0.68 -36.62 3.19
CA ASN A 365 -1.52 -36.86 4.35
C ASN A 365 -1.87 -35.52 4.98
N PHE A 366 -2.34 -34.60 4.13
CA PHE A 366 -2.73 -33.26 4.52
C PHE A 366 -4.08 -33.30 5.24
N PHE A 367 -4.97 -34.17 4.73
CA PHE A 367 -6.29 -34.33 5.28
C PHE A 367 -6.37 -35.30 6.48
N THR A 368 -5.20 -35.71 6.95
CA THR A 368 -5.09 -36.59 8.13
C THR A 368 -5.56 -35.73 9.29
N LYS A 369 -5.67 -34.42 9.04
CA LYS A 369 -6.10 -33.46 10.05
C LYS A 369 -6.15 -32.05 9.47
N PRO A 370 -6.90 -31.85 8.36
CA PRO A 370 -7.06 -30.56 7.66
C PRO A 370 -7.04 -29.36 8.60
N PRO A 371 -6.28 -28.31 8.26
CA PRO A 371 -6.22 -27.13 9.12
C PRO A 371 -7.47 -26.25 8.98
N ILE A 372 -7.56 -25.21 9.82
CA ILE A 372 -8.70 -24.28 9.80
C ILE A 372 -8.41 -23.18 8.77
N GLY A 373 -9.37 -22.29 8.52
CA GLY A 373 -9.12 -21.25 7.53
C GLY A 373 -10.03 -20.04 7.59
N THR A 374 -9.60 -19.00 8.30
CA THR A 374 -10.39 -17.76 8.41
C THR A 374 -11.05 -17.40 7.09
N TRP A 375 -12.29 -16.93 7.19
CA TRP A 375 -13.05 -16.56 6.03
C TRP A 375 -12.19 -15.75 5.04
N ASP A 376 -11.56 -14.68 5.52
CA ASP A 376 -10.71 -13.82 4.67
C ASP A 376 -10.02 -14.52 3.51
N GLN A 377 -9.18 -15.49 3.86
CA GLN A 377 -8.42 -16.29 2.90
C GLN A 377 -9.38 -16.94 1.92
N VAL A 378 -10.30 -17.73 2.47
CA VAL A 378 -11.32 -18.43 1.70
C VAL A 378 -11.98 -17.47 0.73
N ALA A 379 -12.42 -16.33 1.28
CA ALA A 379 -13.10 -15.28 0.53
C ALA A 379 -12.32 -14.91 -0.72
N GLU A 380 -11.06 -14.59 -0.50
CA GLU A 380 -10.17 -14.22 -1.58
C GLU A 380 -10.12 -15.31 -2.61
N VAL A 381 -9.77 -16.51 -2.14
CA VAL A 381 -9.64 -17.71 -2.98
C VAL A 381 -10.87 -17.87 -3.89
N LEU A 382 -12.06 -17.80 -3.27
CA LEU A 382 -13.32 -17.93 -3.98
C LEU A 382 -13.41 -16.89 -5.09
N SER A 383 -13.12 -15.64 -4.73
CA SER A 383 -13.15 -14.56 -5.69
C SER A 383 -12.38 -14.95 -6.95
N TRP A 384 -11.15 -15.41 -6.74
CA TRP A 384 -10.26 -15.81 -7.83
C TRP A 384 -10.92 -16.66 -8.90
N GLN A 385 -11.62 -17.72 -8.47
CA GLN A 385 -12.29 -18.63 -9.41
C GLN A 385 -13.02 -17.86 -10.51
N PHE A 386 -13.62 -16.74 -10.13
CA PHE A 386 -14.36 -15.88 -11.05
C PHE A 386 -13.43 -15.04 -11.89
N SER A 387 -12.53 -14.33 -11.21
CA SER A 387 -11.55 -13.48 -11.88
C SER A 387 -10.69 -14.29 -12.85
N SER A 388 -10.39 -15.55 -12.49
CA SER A 388 -9.60 -16.44 -13.35
C SER A 388 -10.26 -16.58 -14.71
N THR A 389 -11.39 -17.27 -14.73
CA THR A 389 -12.15 -17.50 -15.96
C THR A 389 -12.74 -16.20 -16.49
N THR A 390 -13.65 -15.59 -15.74
CA THR A 390 -14.28 -14.34 -16.18
C THR A 390 -13.40 -13.12 -16.01
N LYS A 391 -14.01 -11.98 -16.25
CA LYS A 391 -13.35 -10.69 -16.13
C LYS A 391 -13.81 -10.08 -14.82
N ARG A 392 -14.33 -10.94 -13.93
CA ARG A 392 -14.78 -10.48 -12.62
C ARG A 392 -14.83 -11.55 -11.54
N GLY A 393 -14.55 -11.12 -10.31
CA GLY A 393 -14.60 -12.02 -9.18
C GLY A 393 -15.85 -11.68 -8.38
N LEU A 394 -15.72 -11.59 -7.07
CA LEU A 394 -16.85 -11.27 -6.21
C LEU A 394 -16.64 -10.00 -5.39
N SER A 395 -17.59 -9.05 -5.49
CA SER A 395 -17.49 -7.80 -4.72
C SER A 395 -17.60 -8.20 -3.25
N ILE A 396 -17.19 -7.33 -2.35
CA ILE A 396 -17.28 -7.65 -0.93
C ILE A 396 -18.76 -7.75 -0.56
N GLU A 397 -19.62 -7.30 -1.48
CA GLU A 397 -21.07 -7.38 -1.27
C GLU A 397 -21.49 -8.84 -1.45
N GLN A 398 -21.39 -9.36 -2.68
CA GLN A 398 -21.77 -10.75 -2.94
C GLN A 398 -20.96 -11.72 -2.09
N LEU A 399 -19.79 -11.27 -1.69
CA LEU A 399 -18.89 -12.04 -0.86
C LEU A 399 -19.38 -12.14 0.60
N THR A 400 -20.31 -11.26 0.98
CA THR A 400 -20.83 -11.22 2.34
C THR A 400 -22.10 -12.04 2.53
N THR A 401 -23.02 -11.90 1.58
CA THR A 401 -24.28 -12.65 1.61
C THR A 401 -23.86 -14.10 1.45
N LEU A 402 -22.59 -14.28 1.10
CA LEU A 402 -21.99 -15.59 0.88
C LEU A 402 -21.14 -16.02 2.09
N ALA A 403 -20.68 -15.03 2.87
CA ALA A 403 -19.87 -15.29 4.04
C ALA A 403 -20.77 -15.78 5.14
N GLU A 404 -21.99 -15.28 5.06
CA GLU A 404 -23.07 -15.57 5.98
C GLU A 404 -23.76 -16.85 5.50
N LYS A 405 -23.80 -17.02 4.18
CA LYS A 405 -24.39 -18.19 3.53
C LYS A 405 -23.61 -19.42 3.97
N LEU A 406 -22.59 -19.22 4.80
CA LEU A 406 -21.74 -20.28 5.30
C LEU A 406 -21.65 -20.26 6.82
N LEU A 407 -21.22 -19.12 7.36
CA LEU A 407 -21.06 -18.94 8.78
C LEU A 407 -22.35 -18.51 9.49
N GLY A 408 -23.38 -18.21 8.70
CA GLY A 408 -24.65 -17.80 9.27
C GLY A 408 -24.68 -16.34 9.67
N PRO A 409 -25.45 -15.98 10.71
CA PRO A 409 -25.61 -14.62 11.23
C PRO A 409 -24.44 -14.14 12.08
N GLY A 410 -24.02 -12.91 11.84
CA GLY A 410 -22.92 -12.33 12.59
C GLY A 410 -22.35 -11.16 11.83
N VAL A 411 -21.60 -10.31 12.54
CA VAL A 411 -20.99 -9.15 11.93
C VAL A 411 -19.49 -9.33 11.77
N ASN A 412 -18.94 -8.80 10.68
CA ASN A 412 -17.50 -8.91 10.42
C ASN A 412 -16.98 -10.35 10.41
N TYR A 413 -17.04 -10.99 9.26
CA TYR A 413 -16.58 -12.36 9.12
C TYR A 413 -15.09 -12.34 8.72
N SER A 414 -14.20 -12.17 9.68
CA SER A 414 -12.77 -12.14 9.36
C SER A 414 -11.97 -13.23 10.07
N GLY A 415 -11.79 -13.09 11.37
CA GLY A 415 -11.05 -14.11 12.11
C GLY A 415 -11.90 -15.36 12.23
N CYS A 416 -13.07 -15.31 11.61
CA CYS A 416 -14.04 -16.40 11.60
C CYS A 416 -13.53 -17.72 11.03
N GLN A 417 -12.95 -18.54 11.89
CA GLN A 417 -12.40 -19.84 11.51
C GLN A 417 -13.40 -20.78 10.88
N ILE A 418 -13.01 -21.33 9.74
CA ILE A 418 -13.84 -22.29 9.00
C ILE A 418 -13.04 -23.59 8.93
N THR A 419 -13.68 -24.73 9.23
CA THR A 419 -12.98 -26.00 9.16
C THR A 419 -13.20 -26.62 7.79
N TRP A 420 -12.41 -27.65 7.47
CA TRP A 420 -12.53 -28.32 6.19
C TRP A 420 -13.94 -28.85 6.03
N ALA A 421 -14.38 -29.55 7.08
CA ALA A 421 -15.70 -30.13 7.13
C ALA A 421 -16.68 -29.07 6.65
N LYS A 422 -16.80 -28.03 7.46
CA LYS A 422 -17.69 -26.89 7.21
C LYS A 422 -17.74 -26.55 5.73
N PHE A 423 -16.59 -26.24 5.15
CA PHE A 423 -16.50 -25.86 3.76
C PHE A 423 -17.32 -26.68 2.75
N CYS A 424 -17.12 -27.99 2.75
CA CYS A 424 -17.87 -28.84 1.82
C CYS A 424 -18.18 -30.22 2.37
N LYS A 425 -17.40 -30.65 3.36
CA LYS A 425 -17.59 -31.96 3.97
C LYS A 425 -18.97 -32.00 4.66
N GLU A 426 -19.59 -30.82 4.81
CA GLU A 426 -20.90 -30.67 5.47
C GLU A 426 -21.97 -30.03 4.60
N ASN A 427 -23.21 -30.47 4.78
CA ASN A 427 -24.35 -29.93 4.02
C ASN A 427 -24.92 -28.66 4.63
N MET A 428 -25.39 -27.77 3.77
CA MET A 428 -25.94 -26.50 4.21
C MET A 428 -27.13 -26.69 5.14
N ALA A 429 -27.25 -25.79 6.11
CA ALA A 429 -28.34 -25.81 7.08
C ALA A 429 -29.54 -26.57 6.55
N GLY A 430 -30.45 -25.86 5.90
CA GLY A 430 -31.65 -26.49 5.36
C GLY A 430 -31.38 -27.35 4.14
N LYS A 431 -30.68 -26.76 3.18
CA LYS A 431 -30.33 -27.43 1.92
C LYS A 431 -30.00 -28.93 1.99
N GLY A 432 -30.13 -29.59 0.84
CA GLY A 432 -29.85 -31.01 0.76
C GLY A 432 -28.48 -31.32 0.18
N PHE A 433 -27.57 -30.34 0.23
CA PHE A 433 -26.20 -30.49 -0.26
C PHE A 433 -25.23 -29.62 0.52
N SER A 434 -24.00 -29.45 0.01
CA SER A 434 -22.98 -28.65 0.70
C SER A 434 -22.71 -27.26 0.15
N PHE A 435 -21.87 -26.53 0.87
CA PHE A 435 -21.51 -25.18 0.47
C PHE A 435 -20.81 -25.20 -0.87
N TRP A 436 -19.62 -25.80 -0.88
CA TRP A 436 -18.81 -25.91 -2.08
C TRP A 436 -19.59 -26.53 -3.23
N VAL A 437 -20.01 -27.77 -3.06
CA VAL A 437 -20.76 -28.49 -4.10
C VAL A 437 -21.76 -27.61 -4.82
N TRP A 438 -22.55 -26.88 -4.05
CA TRP A 438 -23.56 -25.97 -4.59
C TRP A 438 -22.90 -24.91 -5.46
N LEU A 439 -21.88 -24.28 -4.89
CA LEU A 439 -21.15 -23.22 -5.52
C LEU A 439 -20.38 -23.59 -6.79
N ASP A 440 -19.87 -24.82 -6.86
CA ASP A 440 -19.10 -25.26 -8.04
C ASP A 440 -19.89 -25.11 -9.36
N ASN A 441 -21.19 -25.35 -9.30
CA ASN A 441 -22.06 -25.25 -10.47
C ASN A 441 -22.43 -23.80 -10.74
N ILE A 442 -22.46 -23.02 -9.67
CA ILE A 442 -22.78 -21.61 -9.76
C ILE A 442 -21.64 -20.98 -10.57
N ILE A 443 -20.48 -21.63 -10.51
CA ILE A 443 -19.29 -21.21 -11.23
C ILE A 443 -19.43 -21.69 -12.67
N ASP A 444 -19.42 -23.01 -12.82
CA ASP A 444 -19.57 -23.66 -14.11
C ASP A 444 -20.73 -23.02 -14.85
N LEU A 445 -21.72 -22.54 -14.09
CA LEU A 445 -22.87 -21.91 -14.71
C LEU A 445 -22.34 -20.63 -15.35
N VAL A 446 -21.83 -19.72 -14.52
CA VAL A 446 -21.30 -18.45 -14.99
C VAL A 446 -20.32 -18.62 -16.14
N LYS A 447 -19.39 -19.56 -15.97
CA LYS A 447 -18.39 -19.83 -17.00
C LYS A 447 -19.09 -20.28 -18.28
N LYS A 448 -19.56 -21.52 -18.29
CA LYS A 448 -20.24 -22.07 -19.46
C LYS A 448 -21.41 -21.21 -19.95
N TYR A 449 -22.49 -21.19 -19.18
CA TYR A 449 -23.69 -20.44 -19.55
C TYR A 449 -23.81 -19.12 -18.79
N ILE A 450 -24.08 -18.04 -19.53
CA ILE A 450 -24.21 -16.72 -18.91
C ILE A 450 -22.82 -16.27 -18.50
N LEU A 451 -21.96 -16.23 -19.51
CA LEU A 451 -20.58 -15.84 -19.30
C LEU A 451 -20.40 -14.36 -19.61
N ALA A 452 -20.49 -14.01 -20.88
CA ALA A 452 -20.36 -12.64 -21.32
C ALA A 452 -21.62 -11.93 -20.82
N LEU A 453 -22.53 -12.76 -20.30
CA LEU A 453 -23.77 -12.26 -19.76
C LEU A 453 -23.52 -11.73 -18.34
N TRP A 454 -22.55 -12.32 -17.64
CA TRP A 454 -22.16 -11.89 -16.29
C TRP A 454 -21.06 -10.83 -16.40
N ASN A 455 -20.56 -10.70 -17.63
CA ASN A 455 -19.49 -9.77 -18.00
C ASN A 455 -19.49 -8.43 -17.26
N GLU A 456 -20.53 -7.63 -17.47
CA GLU A 456 -20.65 -6.31 -16.86
C GLU A 456 -21.47 -6.37 -15.57
N GLY A 457 -21.13 -7.31 -14.70
CA GLY A 457 -21.87 -7.44 -13.46
C GLY A 457 -23.21 -8.05 -13.82
N TYR A 458 -24.21 -7.18 -14.04
CA TYR A 458 -25.57 -7.59 -14.39
C TYR A 458 -26.17 -8.63 -13.45
N ILE A 459 -25.31 -9.40 -12.82
CA ILE A 459 -25.71 -10.47 -11.91
C ILE A 459 -25.39 -10.15 -10.46
N MET A 460 -26.43 -9.93 -9.68
CA MET A 460 -26.26 -9.67 -8.26
C MET A 460 -25.80 -10.99 -7.67
N GLY A 461 -26.09 -12.07 -8.40
CA GLY A 461 -25.73 -13.40 -7.98
C GLY A 461 -26.13 -13.70 -6.55
N PHE A 462 -25.26 -13.30 -5.63
CA PHE A 462 -25.48 -13.55 -4.21
C PHE A 462 -26.04 -12.33 -3.48
N ILE A 463 -27.24 -12.50 -2.93
CA ILE A 463 -27.92 -11.44 -2.19
C ILE A 463 -28.98 -12.12 -1.32
N SER A 464 -28.85 -11.96 0.00
CA SER A 464 -29.80 -12.56 0.93
C SER A 464 -31.23 -12.35 0.44
N LYS A 465 -31.99 -13.45 0.25
CA LYS A 465 -33.37 -13.35 -0.22
C LYS A 465 -34.02 -12.20 0.54
N GLU A 466 -33.61 -12.06 1.79
CA GLU A 466 -34.10 -11.00 2.65
C GLU A 466 -33.63 -9.67 2.04
N ARG A 467 -32.34 -9.37 2.19
CA ARG A 467 -31.72 -8.15 1.68
C ARG A 467 -32.26 -7.81 0.28
N GLU A 468 -32.74 -8.84 -0.39
CA GLU A 468 -33.29 -8.74 -1.73
C GLU A 468 -34.62 -7.96 -1.71
N ARG A 469 -35.00 -7.48 -0.53
CA ARG A 469 -36.23 -6.70 -0.34
C ARG A 469 -36.00 -5.22 -0.61
N ALA A 470 -34.92 -4.68 -0.04
CA ALA A 470 -34.54 -3.29 -0.18
C ALA A 470 -34.19 -3.02 -1.64
N ILE A 471 -35.13 -3.35 -2.51
CA ILE A 471 -34.95 -3.20 -3.94
C ILE A 471 -36.14 -2.51 -4.59
N SER A 473 -38.64 -2.27 -3.30
CA SER A 473 -39.00 -1.56 -2.08
C SER A 473 -38.19 -0.27 -2.03
N THR A 474 -38.00 0.34 -3.20
CA THR A 474 -37.22 1.56 -3.32
C THR A 474 -37.28 2.07 -4.76
N LYS A 475 -36.92 1.20 -5.70
CA LYS A 475 -36.93 1.56 -7.12
C LYS A 475 -38.36 1.53 -7.68
N PRO A 476 -38.55 1.90 -8.98
CA PRO A 476 -39.89 1.91 -9.58
C PRO A 476 -40.41 0.49 -9.79
N PRO A 477 -41.67 0.20 -9.37
CA PRO A 477 -42.19 -1.15 -9.54
C PRO A 477 -41.84 -1.68 -10.93
N GLY A 478 -41.19 -2.84 -10.97
CA GLY A 478 -40.81 -3.40 -12.26
C GLY A 478 -39.32 -3.61 -12.41
N THR A 479 -38.50 -2.82 -11.72
CA THR A 479 -37.04 -3.00 -11.82
C THR A 479 -36.70 -4.41 -11.31
N PHE A 480 -35.59 -5.00 -11.78
CA PHE A 480 -35.25 -6.36 -11.38
C PHE A 480 -33.79 -6.71 -11.08
N LEU A 481 -33.62 -7.82 -10.36
CA LEU A 481 -32.31 -8.37 -9.97
C LEU A 481 -31.93 -9.54 -10.90
N LEU A 482 -31.12 -10.45 -10.37
CA LEU A 482 -30.64 -11.65 -11.06
C LEU A 482 -29.83 -12.50 -10.08
N ARG A 483 -30.50 -13.37 -9.34
CA ARG A 483 -29.83 -14.21 -8.35
C ARG A 483 -29.67 -15.67 -8.75
N PHE A 484 -29.01 -16.44 -7.88
CA PHE A 484 -28.80 -17.87 -8.10
C PHE A 484 -29.67 -18.60 -7.07
N SER A 485 -30.40 -19.63 -7.47
CA SER A 485 -31.25 -20.32 -6.51
C SER A 485 -30.38 -20.91 -5.39
N GLU A 486 -30.76 -20.62 -4.15
CA GLU A 486 -30.01 -21.11 -2.98
C GLU A 486 -30.41 -22.52 -2.63
N SER A 487 -31.56 -22.92 -3.18
CA SER A 487 -32.14 -24.23 -2.94
C SER A 487 -31.70 -25.32 -3.92
N SER A 488 -31.49 -24.95 -5.20
CA SER A 488 -31.08 -25.92 -6.23
C SER A 488 -29.57 -26.18 -6.33
N LYS A 489 -29.22 -27.45 -6.16
CA LYS A 489 -27.85 -27.94 -6.19
C LYS A 489 -27.17 -27.81 -7.55
N GLU A 490 -27.94 -27.95 -8.64
CA GLU A 490 -27.40 -27.89 -10.00
C GLU A 490 -27.33 -26.49 -10.60
N GLY A 491 -27.41 -25.47 -9.75
CA GLY A 491 -27.34 -24.09 -10.21
C GLY A 491 -28.59 -23.55 -10.89
N GLY A 492 -29.11 -22.44 -10.35
CA GLY A 492 -30.32 -21.83 -10.90
C GLY A 492 -30.30 -20.32 -10.90
N VAL A 493 -30.52 -19.73 -12.07
CA VAL A 493 -30.52 -18.29 -12.22
C VAL A 493 -31.92 -17.71 -12.42
N THR A 494 -32.49 -17.18 -11.34
CA THR A 494 -33.83 -16.59 -11.36
C THR A 494 -33.82 -15.06 -11.49
N PHE A 495 -34.88 -14.41 -10.99
CA PHE A 495 -35.01 -12.95 -11.04
C PHE A 495 -36.06 -12.38 -10.06
N THR A 496 -35.95 -11.09 -9.73
CA THR A 496 -36.87 -10.46 -8.77
C THR A 496 -37.52 -9.15 -9.23
N TRP A 497 -38.78 -8.93 -8.87
CA TRP A 497 -39.51 -7.72 -9.28
C TRP A 497 -40.44 -7.16 -8.20
N LYS A 505 -48.17 -1.92 -1.32
CA LYS A 505 -46.79 -2.12 -0.92
C LYS A 505 -46.00 -2.86 -2.00
N THR A 506 -46.43 -2.70 -3.25
CA THR A 506 -45.77 -3.35 -4.37
C THR A 506 -44.89 -4.49 -3.90
N GLN A 507 -45.51 -5.58 -3.47
CA GLN A 507 -44.78 -6.76 -2.99
C GLN A 507 -43.75 -7.22 -4.00
N ILE A 508 -42.83 -8.07 -3.56
CA ILE A 508 -41.78 -8.59 -4.43
C ILE A 508 -42.08 -10.03 -4.88
N GLN A 509 -41.47 -10.48 -5.98
CA GLN A 509 -41.70 -11.82 -6.49
C GLN A 509 -40.62 -12.39 -7.40
N SER A 510 -39.93 -13.43 -6.94
CA SER A 510 -38.87 -14.09 -7.71
C SER A 510 -39.36 -15.42 -8.30
N VAL A 511 -39.46 -15.55 -9.63
CA VAL A 511 -39.94 -16.78 -10.26
C VAL A 511 -39.13 -18.07 -9.98
N GLU A 512 -39.51 -19.14 -10.67
CA GLU A 512 -38.85 -20.44 -10.55
C GLU A 512 -37.50 -20.38 -11.27
N PRO A 513 -36.41 -20.78 -10.59
CA PRO A 513 -35.09 -20.75 -11.23
C PRO A 513 -35.07 -21.52 -12.54
N TYR A 514 -34.02 -21.30 -13.33
CA TYR A 514 -33.85 -21.98 -14.62
C TYR A 514 -32.47 -22.64 -14.68
N THR A 515 -32.45 -23.98 -14.70
CA THR A 515 -31.20 -24.73 -14.73
C THR A 515 -30.55 -24.89 -16.11
N LYS A 516 -29.32 -25.35 -16.09
CA LYS A 516 -28.49 -25.57 -17.27
C LYS A 516 -29.22 -26.19 -18.45
N GLN A 517 -29.96 -27.27 -18.22
CA GLN A 517 -30.70 -27.94 -19.28
C GLN A 517 -31.59 -26.97 -20.03
N GLN A 518 -32.09 -25.97 -19.29
CA GLN A 518 -32.98 -24.97 -19.86
C GLN A 518 -32.19 -24.05 -20.78
N LEU A 519 -31.09 -23.54 -20.23
CA LEU A 519 -30.21 -22.63 -20.94
C LEU A 519 -29.65 -23.27 -22.21
N ASN A 520 -30.34 -24.31 -22.66
CA ASN A 520 -29.99 -25.06 -23.86
C ASN A 520 -31.10 -24.93 -24.91
N PHE A 524 -30.83 -17.14 -22.39
CA PHE A 524 -31.27 -16.43 -21.20
C PHE A 524 -31.44 -14.95 -21.53
N ALA A 525 -30.75 -14.52 -22.58
CA ALA A 525 -30.83 -13.14 -23.01
C ALA A 525 -32.25 -12.91 -23.52
N GLU A 526 -32.98 -14.02 -23.67
CA GLU A 526 -34.36 -14.00 -24.15
C GLU A 526 -35.39 -14.19 -23.04
N ILE A 527 -35.06 -14.99 -22.03
CA ILE A 527 -35.97 -15.22 -20.90
C ILE A 527 -36.13 -13.89 -20.18
N ILE A 528 -35.26 -12.96 -20.56
CA ILE A 528 -35.25 -11.61 -20.01
C ILE A 528 -35.85 -10.61 -21.00
N MET A 529 -36.32 -11.13 -22.13
CA MET A 529 -36.93 -10.30 -23.16
C MET A 529 -38.29 -10.86 -23.52
N GLY A 530 -38.61 -12.02 -22.96
CA GLY A 530 -39.88 -12.64 -23.25
C GLY A 530 -40.81 -12.64 -22.05
N TYR A 531 -40.53 -13.53 -21.09
CA TYR A 531 -41.34 -13.69 -19.89
C TYR A 531 -42.44 -12.64 -19.70
N LYS A 532 -43.68 -13.05 -19.99
CA LYS A 532 -44.86 -12.17 -19.89
C LYS A 532 -45.61 -12.28 -18.54
N ILE A 533 -45.68 -13.48 -17.97
CA ILE A 533 -46.40 -13.69 -16.71
C ILE A 533 -47.82 -13.20 -16.94
N MET A 534 -48.53 -13.81 -17.87
CA MET A 534 -49.90 -13.39 -18.16
C MET A 534 -50.54 -12.92 -16.88
N ASP A 535 -51.29 -11.83 -16.97
CA ASP A 535 -51.92 -11.26 -15.80
C ASP A 535 -53.33 -11.74 -15.44
N ALA A 536 -53.81 -11.19 -14.31
CA ALA A 536 -55.14 -11.47 -13.74
C ALA A 536 -56.22 -10.68 -14.46
N THR A 537 -55.81 -9.57 -15.09
CA THR A 537 -56.73 -8.74 -15.86
C THR A 537 -56.70 -9.32 -17.27
N ASN A 538 -56.43 -10.63 -17.31
CA ASN A 538 -56.32 -11.44 -18.53
C ASN A 538 -55.56 -10.77 -19.65
N ILE A 539 -54.38 -10.30 -19.28
CA ILE A 539 -53.51 -9.59 -20.19
C ILE A 539 -52.10 -10.16 -19.95
N LEU A 540 -51.60 -10.94 -20.91
CA LEU A 540 -50.25 -11.49 -20.76
C LEU A 540 -49.30 -10.30 -20.65
N VAL A 541 -49.10 -9.83 -19.41
CA VAL A 541 -48.27 -8.68 -19.10
C VAL A 541 -46.84 -8.70 -19.67
N SER A 542 -46.01 -7.78 -19.19
CA SER A 542 -44.64 -7.67 -19.67
C SER A 542 -43.59 -7.98 -18.61
N PRO A 543 -42.35 -8.19 -19.07
CA PRO A 543 -41.21 -8.50 -18.22
C PRO A 543 -40.62 -7.26 -17.54
N LEU A 544 -41.09 -7.00 -16.32
CA LEU A 544 -40.64 -5.88 -15.50
C LEU A 544 -39.29 -5.27 -15.98
N VAL A 545 -39.28 -3.98 -16.37
CA VAL A 545 -38.05 -3.32 -16.88
C VAL A 545 -37.11 -2.67 -15.86
N TYR A 546 -35.94 -2.31 -16.38
CA TYR A 546 -34.87 -1.67 -15.61
C TYR A 546 -34.08 -2.65 -14.75
N LEU A 547 -32.80 -2.83 -15.05
CA LEU A 547 -31.97 -3.73 -14.26
C LEU A 547 -31.87 -3.00 -12.92
N TYR A 548 -31.36 -3.64 -11.87
CA TYR A 548 -31.33 -2.96 -10.58
C TYR A 548 -31.04 -1.48 -10.67
N PRO A 549 -29.87 -1.11 -11.20
CA PRO A 549 -29.56 0.32 -11.31
C PRO A 549 -30.79 1.13 -11.68
N ASP A 550 -31.19 1.01 -12.94
CA ASP A 550 -32.32 1.75 -13.48
C ASP A 550 -32.20 1.59 -14.98
N ILE A 551 -31.37 0.63 -15.36
CA ILE A 551 -31.09 0.35 -16.77
C ILE A 551 -32.24 -0.36 -17.48
N PRO A 552 -32.93 0.34 -18.39
CA PRO A 552 -34.03 -0.34 -19.10
C PRO A 552 -33.42 -1.51 -19.84
N LYS A 553 -33.97 -2.70 -19.58
CA LYS A 553 -33.48 -3.94 -20.17
C LYS A 553 -33.35 -4.00 -21.71
N GLU A 554 -32.60 -3.07 -22.28
CA GLU A 554 -32.44 -3.07 -23.74
C GLU A 554 -31.03 -2.70 -24.17
N GLU A 555 -30.43 -1.80 -23.39
CA GLU A 555 -29.06 -1.35 -23.64
C GLU A 555 -28.21 -2.31 -22.84
N ALA A 556 -28.87 -2.93 -21.85
CA ALA A 556 -28.21 -3.90 -20.99
C ALA A 556 -28.47 -5.27 -21.60
N PHE A 557 -29.71 -5.48 -22.04
CA PHE A 557 -30.11 -6.77 -22.60
C PHE A 557 -30.34 -6.84 -24.12
N GLY A 558 -30.77 -5.73 -24.73
CA GLY A 558 -31.04 -5.71 -26.16
C GLY A 558 -29.94 -6.13 -27.13
N LYS A 559 -28.68 -5.87 -26.78
CA LYS A 559 -27.54 -6.22 -27.62
C LYS A 559 -27.50 -7.70 -27.99
N TYR A 560 -27.47 -8.56 -26.97
CA TYR A 560 -27.42 -10.01 -27.18
C TYR A 560 -28.75 -10.58 -27.66
N CYS A 561 -29.54 -9.77 -28.35
CA CYS A 561 -30.86 -10.22 -28.83
C CYS A 561 -31.06 -10.28 -30.34
N ARG A 562 -31.55 -11.44 -30.79
CA ARG A 562 -31.80 -11.70 -32.21
C ARG A 562 -33.19 -11.25 -32.68
N VAL B 10 8.02 10.01 8.77
CA VAL B 10 9.13 9.45 8.00
C VAL B 10 9.45 10.32 6.81
N VAL B 11 10.56 10.00 6.16
CA VAL B 11 11.00 10.74 5.00
C VAL B 11 10.52 10.00 3.77
N THR B 12 9.82 10.69 2.89
CA THR B 12 9.37 10.05 1.67
C THR B 12 10.65 10.09 0.87
N GLU B 13 10.56 9.89 -0.43
CA GLU B 13 11.76 9.93 -1.24
C GLU B 13 11.87 11.32 -1.81
N LYS B 14 10.71 11.94 -2.04
CA LYS B 14 10.67 13.27 -2.61
C LYS B 14 11.40 14.20 -1.65
N GLN B 15 11.39 13.81 -0.38
CA GLN B 15 12.04 14.53 0.71
C GLN B 15 13.53 14.30 0.71
N GLN B 16 13.93 13.16 0.15
CA GLN B 16 15.33 12.82 0.04
C GLN B 16 15.85 13.86 -0.93
N MET B 17 15.22 13.90 -2.10
CA MET B 17 15.59 14.82 -3.16
C MET B 17 15.63 16.25 -2.66
N LEU B 18 14.74 16.57 -1.73
CA LEU B 18 14.71 17.92 -1.19
C LEU B 18 15.86 18.18 -0.23
N GLU B 19 15.92 17.46 0.89
CA GLU B 19 17.03 17.70 1.82
C GLU B 19 18.33 17.52 1.04
N GLN B 20 18.20 16.99 -0.16
CA GLN B 20 19.32 16.80 -1.05
C GLN B 20 19.58 18.15 -1.69
N HIS B 21 18.76 18.45 -2.70
CA HIS B 21 18.80 19.72 -3.43
C HIS B 21 19.40 20.81 -2.52
N LEU B 22 18.87 20.90 -1.31
CA LEU B 22 19.28 21.87 -0.28
C LEU B 22 20.74 21.85 0.14
N GLN B 23 21.31 20.68 0.25
CA GLN B 23 22.70 20.62 0.65
C GLN B 23 23.61 20.89 -0.53
N ASP B 24 23.08 20.71 -1.74
CA ASP B 24 23.85 20.96 -2.96
C ASP B 24 23.98 22.44 -3.14
N VAL B 25 22.96 23.16 -2.71
CA VAL B 25 22.95 24.62 -2.78
C VAL B 25 23.77 25.11 -1.60
N ARG B 26 23.56 24.45 -0.46
CA ARG B 26 24.30 24.82 0.74
C ARG B 26 25.77 24.72 0.35
N LYS B 27 26.05 23.82 -0.58
CA LYS B 27 27.42 23.57 -1.04
C LYS B 27 27.96 24.53 -2.05
N ARG B 28 27.11 25.04 -2.94
CA ARG B 28 27.57 25.95 -3.96
C ARG B 28 27.87 27.30 -3.36
N VAL B 29 27.26 27.56 -2.21
CA VAL B 29 27.46 28.83 -1.52
C VAL B 29 28.73 28.75 -0.70
N GLN B 30 29.35 27.58 -0.72
CA GLN B 30 30.60 27.34 -0.01
C GLN B 30 31.70 27.65 -1.00
N ASP B 31 31.42 27.22 -2.23
CA ASP B 31 32.28 27.36 -3.39
C ASP B 31 32.31 28.82 -3.79
N LEU B 32 31.14 29.40 -3.95
CA LEU B 32 31.10 30.81 -4.29
C LEU B 32 31.78 31.54 -3.15
N GLU B 33 31.54 31.05 -1.94
CA GLU B 33 32.12 31.60 -0.72
C GLU B 33 33.62 31.77 -0.96
N GLN B 34 34.23 30.68 -1.45
CA GLN B 34 35.65 30.60 -1.72
C GLN B 34 36.08 31.45 -2.88
N LYS B 35 35.49 31.18 -4.05
CA LYS B 35 35.83 31.94 -5.24
C LYS B 35 35.91 33.43 -4.88
N MET B 36 34.86 33.96 -4.28
CA MET B 36 34.87 35.37 -3.91
C MET B 36 36.13 35.75 -3.14
N LYS B 37 36.49 34.95 -2.14
CA LYS B 37 37.66 35.25 -1.33
C LYS B 37 38.94 35.29 -2.16
N VAL B 38 39.15 34.28 -3.00
CA VAL B 38 40.33 34.19 -3.85
C VAL B 38 40.47 35.36 -4.81
N VAL B 39 39.39 35.67 -5.52
CA VAL B 39 39.37 36.75 -6.48
C VAL B 39 39.57 38.08 -5.78
N GLU B 40 39.09 38.24 -4.56
CA GLU B 40 39.26 39.50 -3.84
C GLU B 40 40.73 39.75 -3.61
N ASN B 41 41.46 38.68 -3.29
CA ASN B 41 42.90 38.74 -3.05
C ASN B 41 43.68 39.05 -4.30
N LEU B 42 43.42 38.30 -5.35
CA LEU B 42 44.08 38.51 -6.63
C LEU B 42 43.78 39.95 -7.15
N GLN B 43 42.77 40.62 -6.58
CA GLN B 43 42.44 41.98 -6.99
C GLN B 43 43.13 43.01 -6.10
N ASP B 44 43.59 42.57 -4.93
CA ASP B 44 44.29 43.46 -3.99
C ASP B 44 45.75 43.50 -4.39
N ASP B 45 46.23 42.41 -4.96
CA ASP B 45 47.60 42.34 -5.42
C ASP B 45 47.62 43.36 -6.54
N PHE B 46 46.62 43.28 -7.40
CA PHE B 46 46.47 44.19 -8.54
C PHE B 46 46.43 45.66 -8.11
N ASP B 47 45.64 45.93 -7.07
CA ASP B 47 45.51 47.28 -6.55
C ASP B 47 46.85 47.76 -6.02
N PHE B 48 47.53 46.88 -5.28
CA PHE B 48 48.84 47.22 -4.74
C PHE B 48 49.87 47.43 -5.84
N ASN B 49 49.94 46.50 -6.79
CA ASN B 49 50.88 46.57 -7.91
C ASN B 49 50.67 47.83 -8.73
N TYR B 50 49.43 48.26 -8.81
CA TYR B 50 49.07 49.46 -9.56
C TYR B 50 49.30 50.74 -8.74
N LYS B 51 49.26 50.61 -7.41
CA LYS B 51 49.49 51.75 -6.51
C LYS B 51 50.98 51.81 -6.14
N THR B 52 51.73 50.79 -6.60
CA THR B 52 53.16 50.68 -6.37
C THR B 52 53.88 51.24 -7.60
N LEU B 53 53.27 51.02 -8.77
CA LEU B 53 53.80 51.51 -10.06
C LEU B 53 53.23 52.93 -10.25
N LYS B 54 52.40 53.35 -9.29
CA LYS B 54 51.77 54.67 -9.26
C LYS B 54 52.65 55.62 -8.49
N SER B 55 53.81 55.12 -8.07
CA SER B 55 54.78 55.91 -7.33
C SER B 55 56.17 55.33 -7.53
N GLN B 56 56.64 55.36 -8.78
CA GLN B 56 57.98 54.84 -9.15
C GLN B 56 58.30 54.87 -10.65
N GLY B 57 57.45 54.22 -11.46
CA GLY B 57 57.67 54.16 -12.91
C GLY B 57 57.44 55.50 -13.60
N ASP B 58 57.62 56.58 -12.84
CA ASP B 58 57.45 57.95 -13.33
C ASP B 58 58.40 58.25 -14.49
N VAL B 69 58.50 53.25 -17.56
CA VAL B 69 57.91 52.50 -16.45
C VAL B 69 58.66 51.18 -16.27
N THR B 70 58.18 50.34 -15.35
CA THR B 70 58.82 49.05 -15.05
C THR B 70 58.59 47.93 -16.09
N ARG B 71 59.49 46.95 -16.10
CA ARG B 71 59.43 45.79 -17.01
C ARG B 71 58.71 44.59 -16.36
N GLN B 72 57.61 44.15 -16.99
CA GLN B 72 56.77 43.04 -16.51
C GLN B 72 56.05 43.37 -15.18
N LYS B 73 56.04 44.67 -14.85
CA LYS B 73 55.37 45.26 -13.68
C LYS B 73 54.46 46.34 -14.26
N MET B 74 54.66 46.61 -15.55
CA MET B 74 53.88 47.55 -16.35
C MET B 74 52.82 46.72 -17.07
N GLN B 75 53.16 45.45 -17.30
CA GLN B 75 52.30 44.48 -18.00
C GLN B 75 51.35 43.68 -17.10
N GLN B 76 51.87 43.20 -15.98
CA GLN B 76 51.11 42.40 -15.03
C GLN B 76 49.98 43.22 -14.41
N LEU B 77 49.32 43.98 -15.26
CA LEU B 77 48.19 44.82 -14.90
C LEU B 77 47.29 44.71 -16.13
N GLU B 78 47.89 44.97 -17.29
CA GLU B 78 47.19 44.87 -18.57
C GLU B 78 46.62 43.46 -18.65
N GLN B 79 47.34 42.51 -18.06
CA GLN B 79 46.95 41.11 -18.03
C GLN B 79 46.15 40.81 -16.78
N MET B 80 46.72 41.10 -15.62
CA MET B 80 46.03 40.89 -14.35
C MET B 80 44.57 41.25 -14.51
N LEU B 81 44.30 42.22 -15.39
CA LEU B 81 42.95 42.68 -15.66
C LEU B 81 42.19 41.77 -16.62
N THR B 82 42.87 41.32 -17.67
CA THR B 82 42.25 40.41 -18.63
C THR B 82 41.78 39.20 -17.85
N ALA B 83 42.48 38.93 -16.73
CA ALA B 83 42.20 37.81 -15.84
C ALA B 83 41.06 38.13 -14.88
N LEU B 84 41.14 39.27 -14.20
CA LEU B 84 40.09 39.65 -13.28
C LEU B 84 38.77 39.68 -14.01
N ASP B 85 38.80 40.09 -15.27
CA ASP B 85 37.58 40.12 -16.06
C ASP B 85 37.01 38.71 -16.24
N GLN B 86 37.89 37.73 -16.42
CA GLN B 86 37.46 36.35 -16.62
C GLN B 86 36.92 35.75 -15.32
N MET B 87 37.31 36.35 -14.20
CA MET B 87 36.86 35.92 -12.87
C MET B 87 35.44 36.38 -12.81
N ARG B 88 35.29 37.70 -12.87
CA ARG B 88 33.99 38.33 -12.86
C ARG B 88 33.02 37.55 -13.73
N ARG B 89 33.41 37.26 -14.97
CA ARG B 89 32.55 36.51 -15.88
C ARG B 89 32.08 35.19 -15.27
N SER B 90 33.02 34.43 -14.74
CA SER B 90 32.74 33.12 -14.14
C SER B 90 31.87 33.24 -12.89
N ILE B 91 32.32 34.09 -11.96
CA ILE B 91 31.61 34.28 -10.71
C ILE B 91 30.16 34.68 -10.95
N VAL B 92 29.95 35.63 -11.86
CA VAL B 92 28.63 36.13 -12.19
C VAL B 92 27.74 35.07 -12.85
N SER B 93 28.30 34.27 -13.74
CA SER B 93 27.50 33.25 -14.39
C SER B 93 27.29 32.10 -13.43
N GLU B 94 28.13 32.04 -12.41
CA GLU B 94 28.06 31.00 -11.40
C GLU B 94 26.89 31.29 -10.49
N LEU B 95 26.71 32.57 -10.18
CA LEU B 95 25.60 33.03 -9.37
C LEU B 95 24.27 32.90 -10.11
N ALA B 96 24.25 33.32 -11.37
CA ALA B 96 23.02 33.20 -12.16
C ALA B 96 22.53 31.76 -12.03
N GLY B 97 23.41 30.81 -12.29
CA GLY B 97 23.07 29.39 -12.21
C GLY B 97 22.64 28.95 -10.83
N LEU B 98 23.31 29.45 -9.79
CA LEU B 98 22.98 29.12 -8.40
C LEU B 98 21.58 29.60 -8.04
N LEU B 99 21.19 30.77 -8.57
CA LEU B 99 19.88 31.32 -8.30
C LEU B 99 18.86 30.49 -9.04
N SER B 100 19.13 30.16 -10.30
CA SER B 100 18.20 29.35 -11.06
C SER B 100 17.92 28.07 -10.28
N ALA B 101 18.91 27.66 -9.50
CA ALA B 101 18.84 26.46 -8.67
C ALA B 101 17.97 26.62 -7.42
N MET B 102 18.08 27.79 -6.77
CA MET B 102 17.30 28.06 -5.58
C MET B 102 15.86 28.27 -5.98
N GLU B 103 15.64 28.84 -7.16
CA GLU B 103 14.30 29.08 -7.68
C GLU B 103 13.57 27.76 -7.72
N TYR B 104 14.29 26.74 -8.19
CA TYR B 104 13.75 25.39 -8.31
C TYR B 104 13.29 24.78 -6.98
N VAL B 105 14.26 24.57 -6.10
CA VAL B 105 14.02 23.97 -4.79
C VAL B 105 12.99 24.70 -3.93
N GLN B 106 12.96 26.04 -4.01
CA GLN B 106 12.00 26.80 -3.22
C GLN B 106 10.60 26.38 -3.65
N LYS B 107 10.40 26.22 -4.95
CA LYS B 107 9.11 25.81 -5.48
C LYS B 107 8.75 24.39 -5.04
N THR B 108 9.74 23.52 -4.89
CA THR B 108 9.49 22.15 -4.44
C THR B 108 9.23 22.18 -2.94
N LEU B 109 9.73 23.22 -2.27
CA LEU B 109 9.55 23.33 -0.84
C LEU B 109 8.17 23.92 -0.58
N THR B 110 7.99 25.15 -1.03
CA THR B 110 6.76 25.91 -0.85
C THR B 110 5.54 25.30 -1.52
N ASP B 111 5.52 25.30 -2.84
CA ASP B 111 4.40 24.79 -3.62
C ASP B 111 4.15 23.30 -3.52
N GLU B 112 5.11 22.55 -3.00
CA GLU B 112 4.88 21.10 -2.90
C GLU B 112 4.88 20.55 -1.49
N GLU B 113 6.02 20.59 -0.81
CA GLU B 113 6.06 20.05 0.54
C GLU B 113 5.46 20.93 1.62
N LEU B 114 4.99 22.12 1.24
CA LEU B 114 4.34 22.99 2.22
C LEU B 114 2.84 22.90 1.98
N ALA B 115 2.44 22.96 0.72
CA ALA B 115 1.02 22.81 0.39
C ALA B 115 0.60 21.50 1.05
N ASP B 116 1.46 20.50 0.91
CA ASP B 116 1.26 19.17 1.47
C ASP B 116 0.97 19.21 2.95
N TRP B 117 1.70 20.05 3.66
CA TRP B 117 1.52 20.18 5.09
C TRP B 117 0.22 20.91 5.40
N LYS B 118 -0.01 22.00 4.69
CA LYS B 118 -1.19 22.81 4.89
C LYS B 118 -2.47 22.00 4.75
N ARG B 119 -2.48 21.09 3.78
CA ARG B 119 -3.62 20.23 3.55
C ARG B 119 -3.71 19.15 4.63
N ARG B 120 -2.55 18.73 5.13
CA ARG B 120 -2.47 17.72 6.18
C ARG B 120 -2.86 18.32 7.52
N GLN B 121 -2.87 19.65 7.58
CA GLN B 121 -3.29 20.39 8.77
C GLN B 121 -4.82 20.35 8.70
N GLN B 122 -5.35 20.84 7.58
CA GLN B 122 -6.78 20.87 7.26
C GLN B 122 -7.39 19.58 7.81
N ILE B 123 -6.90 18.46 7.28
CA ILE B 123 -7.35 17.13 7.64
C ILE B 123 -7.15 16.72 9.11
N ALA B 124 -6.10 17.20 9.76
CA ALA B 124 -5.86 16.83 11.15
C ALA B 124 -6.72 17.68 12.08
N CYS B 125 -7.40 18.67 11.48
CA CYS B 125 -8.30 19.57 12.20
C CYS B 125 -9.58 18.82 12.50
N ILE B 126 -10.09 18.18 11.44
CA ILE B 126 -11.31 17.40 11.51
C ILE B 126 -11.05 15.94 11.89
N GLY B 127 -10.17 15.75 12.88
CA GLY B 127 -9.83 14.44 13.37
C GLY B 127 -9.08 13.47 12.47
N GLY B 128 -8.48 13.95 11.38
CA GLY B 128 -7.78 13.06 10.46
C GLY B 128 -6.39 12.62 10.90
N PRO B 129 -5.74 11.66 10.18
CA PRO B 129 -4.41 11.19 10.56
C PRO B 129 -3.46 12.39 10.70
N PRO B 130 -3.18 12.81 11.96
CA PRO B 130 -2.31 13.94 12.30
C PRO B 130 -0.90 14.02 11.69
N ASN B 131 0.03 14.51 12.50
CA ASN B 131 1.42 14.72 12.10
C ASN B 131 1.49 15.86 11.09
N ILE B 132 1.71 17.05 11.61
CA ILE B 132 1.83 18.25 10.82
C ILE B 132 2.89 19.08 11.55
N CYS B 133 3.93 18.37 11.98
CA CYS B 133 5.06 18.95 12.70
C CYS B 133 5.92 19.83 11.79
N LEU B 134 5.86 21.14 12.02
CA LEU B 134 6.60 22.12 11.23
C LEU B 134 8.12 22.06 11.27
N ASP B 135 8.70 21.12 12.02
CA ASP B 135 10.16 21.03 12.11
C ASP B 135 10.89 20.75 10.80
N ARG B 136 10.60 19.64 10.17
CA ARG B 136 11.27 19.30 8.92
C ARG B 136 11.22 20.48 7.97
N LEU B 137 10.04 21.07 7.85
CA LEU B 137 9.87 22.22 6.97
C LEU B 137 10.62 23.45 7.45
N GLU B 138 10.80 23.58 8.76
CA GLU B 138 11.49 24.73 9.29
C GLU B 138 12.98 24.69 9.02
N ASN B 139 13.56 23.50 9.06
CA ASN B 139 14.98 23.37 8.82
C ASN B 139 15.26 23.55 7.35
N TRP B 140 14.37 23.03 6.51
CA TRP B 140 14.55 23.18 5.09
C TRP B 140 14.41 24.63 4.68
N ILE B 141 13.40 25.29 5.20
CA ILE B 141 13.19 26.70 4.87
C ILE B 141 14.28 27.53 5.52
N THR B 142 14.61 27.22 6.76
CA THR B 142 15.65 27.95 7.47
C THR B 142 16.96 27.80 6.70
N SER B 143 17.26 26.56 6.29
CA SER B 143 18.48 26.29 5.54
C SER B 143 18.51 27.05 4.23
N LEU B 144 17.43 27.00 3.47
CA LEU B 144 17.37 27.69 2.19
C LEU B 144 17.52 29.21 2.33
N ALA B 145 16.85 29.80 3.31
CA ALA B 145 16.91 31.25 3.54
C ALA B 145 18.30 31.67 4.04
N GLU B 146 18.99 30.77 4.74
CA GLU B 146 20.32 31.07 5.24
C GLU B 146 21.24 31.18 4.05
N SER B 147 21.05 30.28 3.08
CA SER B 147 21.83 30.27 1.82
C SER B 147 21.55 31.56 1.05
N GLN B 148 20.31 31.73 0.64
CA GLN B 148 19.88 32.91 -0.10
C GLN B 148 20.45 34.19 0.51
N LEU B 149 20.56 34.23 1.83
CA LEU B 149 21.05 35.42 2.50
C LEU B 149 22.58 35.55 2.42
N GLN B 150 23.29 34.47 2.15
CA GLN B 150 24.74 34.55 2.02
C GLN B 150 24.99 34.91 0.57
N THR B 151 24.12 34.38 -0.29
CA THR B 151 24.18 34.64 -1.72
C THR B 151 23.89 36.11 -2.01
N ARG B 152 23.15 36.75 -1.11
CA ARG B 152 22.85 38.17 -1.28
C ARG B 152 24.12 38.93 -0.87
N GLN B 153 24.83 38.38 0.11
CA GLN B 153 26.05 39.00 0.63
C GLN B 153 27.25 38.76 -0.29
N GLN B 154 27.02 37.96 -1.33
CA GLN B 154 28.04 37.65 -2.32
C GLN B 154 27.85 38.71 -3.38
N ILE B 155 26.62 38.80 -3.87
CA ILE B 155 26.24 39.75 -4.89
C ILE B 155 26.57 41.16 -4.41
N LYS B 156 26.61 41.35 -3.09
CA LYS B 156 26.94 42.65 -2.51
C LYS B 156 28.44 42.84 -2.55
N LYS B 157 29.17 41.73 -2.40
CA LYS B 157 30.62 41.75 -2.41
C LYS B 157 31.12 42.05 -3.83
N LEU B 158 30.23 41.85 -4.82
CA LEU B 158 30.54 42.10 -6.22
C LEU B 158 30.48 43.59 -6.49
N GLU B 159 29.43 44.23 -5.99
CA GLU B 159 29.27 45.67 -6.17
C GLU B 159 30.33 46.39 -5.33
N GLU B 160 31.20 45.61 -4.67
CA GLU B 160 32.28 46.17 -3.84
C GLU B 160 33.46 46.43 -4.74
N LEU B 161 33.60 45.57 -5.75
CA LEU B 161 34.65 45.63 -6.75
C LEU B 161 34.13 46.51 -7.93
N GLN B 162 32.79 46.49 -8.14
CA GLN B 162 32.10 47.30 -9.15
C GLN B 162 32.52 48.74 -8.76
N GLN B 163 33.21 48.85 -7.62
CA GLN B 163 33.68 50.09 -6.99
C GLN B 163 35.16 50.29 -6.75
N LYS B 164 35.91 49.20 -6.65
CA LYS B 164 37.33 49.31 -6.39
C LYS B 164 38.12 49.20 -7.68
N VAL B 165 37.54 48.46 -8.62
CA VAL B 165 38.14 48.27 -9.93
C VAL B 165 37.00 48.10 -10.92
N SER B 166 36.93 49.00 -11.89
CA SER B 166 35.90 48.92 -12.90
C SER B 166 36.50 49.30 -14.24
N TYR B 167 35.74 49.10 -15.30
CA TYR B 167 36.21 49.39 -16.64
C TYR B 167 35.07 49.22 -17.63
N LYS B 168 35.28 49.65 -18.87
CA LYS B 168 34.21 49.52 -19.84
C LYS B 168 34.10 48.05 -20.21
N GLY B 169 32.92 47.50 -19.98
CA GLY B 169 32.70 46.09 -20.28
C GLY B 169 32.67 45.31 -18.98
N ASP B 170 32.62 46.03 -17.87
CA ASP B 170 32.60 45.45 -16.53
C ASP B 170 31.37 44.56 -16.40
N PRO B 171 31.58 43.23 -16.23
CA PRO B 171 30.49 42.25 -16.11
C PRO B 171 29.61 42.54 -14.90
N ILE B 172 30.25 42.90 -13.79
CA ILE B 172 29.53 43.20 -12.58
C ILE B 172 28.43 44.23 -12.83
N VAL B 173 28.84 45.43 -13.22
CA VAL B 173 27.93 46.55 -13.46
C VAL B 173 26.65 46.26 -14.26
N GLN B 174 26.68 45.27 -15.12
CA GLN B 174 25.53 44.94 -15.93
C GLN B 174 24.94 43.59 -15.60
N HIS B 175 25.20 43.08 -14.40
CA HIS B 175 24.68 41.77 -14.01
C HIS B 175 24.37 41.74 -12.53
N ARG B 176 25.10 42.54 -11.76
CA ARG B 176 24.91 42.58 -10.31
C ARG B 176 23.57 43.22 -9.93
N PRO B 177 23.13 44.26 -10.67
CA PRO B 177 21.85 44.89 -10.33
C PRO B 177 20.80 43.83 -10.56
N MET B 178 21.08 43.05 -11.59
CA MET B 178 20.24 41.95 -12.02
C MET B 178 20.05 40.88 -10.96
N LEU B 179 21.15 40.24 -10.60
CA LEU B 179 21.18 39.18 -9.62
C LEU B 179 20.61 39.65 -8.31
N GLU B 180 21.05 40.83 -7.85
CA GLU B 180 20.53 41.39 -6.61
C GLU B 180 19.02 41.27 -6.63
N GLU B 181 18.44 41.96 -7.60
CA GLU B 181 17.02 41.98 -7.82
C GLU B 181 16.41 40.58 -7.75
N ARG B 182 17.02 39.64 -8.46
CA ARG B 182 16.58 38.25 -8.50
C ARG B 182 16.57 37.53 -7.16
N ILE B 183 17.69 37.57 -6.45
CA ILE B 183 17.79 36.89 -5.16
C ILE B 183 16.86 37.50 -4.12
N VAL B 184 16.71 38.82 -4.15
CA VAL B 184 15.82 39.53 -3.22
C VAL B 184 14.41 38.97 -3.45
N GLU B 185 14.04 38.79 -4.71
CA GLU B 185 12.75 38.25 -5.04
C GLU B 185 12.59 36.94 -4.28
N LEU B 186 13.44 35.96 -4.60
CA LEU B 186 13.42 34.65 -3.96
C LEU B 186 13.22 34.66 -2.45
N PHE B 187 13.93 35.54 -1.76
CA PHE B 187 13.83 35.60 -0.32
C PHE B 187 12.48 36.16 0.09
N ARG B 188 12.11 37.26 -0.56
CA ARG B 188 10.84 37.93 -0.32
C ARG B 188 9.69 36.92 -0.29
N ASN B 189 9.66 36.01 -1.25
CA ASN B 189 8.62 34.99 -1.31
C ASN B 189 8.85 33.90 -0.29
N LEU B 190 10.05 33.34 -0.28
CA LEU B 190 10.37 32.30 0.69
C LEU B 190 9.96 32.80 2.05
N MET B 191 10.30 34.05 2.33
CA MET B 191 9.98 34.69 3.59
C MET B 191 8.49 34.74 3.91
N LYS B 192 7.74 35.22 2.91
CA LYS B 192 6.31 35.34 3.03
C LYS B 192 5.67 33.98 3.27
N SER B 193 6.04 33.00 2.45
CA SER B 193 5.49 31.67 2.57
C SER B 193 5.80 31.01 3.91
N ALA B 194 6.95 31.35 4.48
CA ALA B 194 7.41 30.77 5.76
C ALA B 194 6.52 31.17 6.92
N PHE B 195 5.60 32.08 6.64
CA PHE B 195 4.66 32.60 7.62
C PHE B 195 3.37 31.75 7.59
N VAL B 196 3.10 31.03 8.68
CA VAL B 196 1.92 30.18 8.74
C VAL B 196 1.13 30.33 10.03
N VAL B 197 0.05 29.55 10.14
CA VAL B 197 -0.78 29.51 11.33
C VAL B 197 -0.51 28.13 11.89
N GLU B 198 0.41 28.07 12.83
CA GLU B 198 0.83 26.81 13.46
C GLU B 198 -0.33 26.04 14.09
N ARG B 199 -1.12 26.73 14.89
CA ARG B 199 -2.27 26.10 15.53
C ARG B 199 -3.45 27.01 15.26
N GLN B 200 -4.43 26.46 14.55
CA GLN B 200 -5.63 27.20 14.19
C GLN B 200 -6.41 27.75 15.42
N PRO B 201 -7.29 28.76 15.20
CA PRO B 201 -8.11 29.41 16.22
C PRO B 201 -9.09 28.45 16.89
N CYS B 202 -9.09 28.40 18.22
CA CYS B 202 -10.00 27.48 18.91
C CYS B 202 -10.19 27.76 20.40
N MET B 203 -11.45 27.80 20.84
CA MET B 203 -11.77 28.04 22.24
C MET B 203 -11.20 26.91 23.06
N PRO B 204 -10.34 27.23 24.05
CA PRO B 204 -9.71 26.23 24.92
C PRO B 204 -10.67 25.26 25.60
N MET B 205 -11.96 25.63 25.64
CA MET B 205 -12.98 24.80 26.27
C MET B 205 -13.76 23.94 25.29
N HIS B 206 -13.40 24.06 24.02
CA HIS B 206 -14.02 23.29 22.94
C HIS B 206 -12.87 22.86 22.05
N PRO B 207 -11.85 22.22 22.64
CA PRO B 207 -10.67 21.74 21.92
C PRO B 207 -10.99 20.96 20.66
N ASP B 208 -12.01 20.10 20.74
CA ASP B 208 -12.38 19.30 19.60
C ASP B 208 -13.28 20.05 18.62
N ARG B 209 -13.46 21.34 18.87
CA ARG B 209 -14.29 22.17 18.02
C ARG B 209 -13.56 23.40 17.52
N PRO B 210 -12.50 23.18 16.72
CA PRO B 210 -11.64 24.19 16.11
C PRO B 210 -12.31 24.84 14.90
N LEU B 211 -12.04 26.12 14.68
CA LEU B 211 -12.62 26.90 13.58
C LEU B 211 -14.09 27.29 13.80
N VAL B 212 -14.64 26.91 14.95
CA VAL B 212 -16.01 27.24 15.34
C VAL B 212 -15.85 27.95 16.67
N ILE B 213 -16.14 29.25 16.68
CA ILE B 213 -16.02 30.06 17.88
C ILE B 213 -17.28 30.88 18.19
N LYS B 214 -17.66 30.86 19.47
CA LYS B 214 -18.84 31.56 19.99
C LYS B 214 -18.42 32.97 20.47
N THR B 215 -19.08 34.01 19.93
CA THR B 215 -18.77 35.39 20.29
C THR B 215 -18.89 35.63 21.80
N GLY B 216 -17.88 36.28 22.36
CA GLY B 216 -17.90 36.52 23.79
C GLY B 216 -17.04 35.48 24.46
N VAL B 217 -16.64 34.45 23.70
CA VAL B 217 -15.78 33.40 24.25
C VAL B 217 -14.33 33.69 23.94
N GLN B 218 -13.47 33.32 24.89
CA GLN B 218 -12.05 33.54 24.79
C GLN B 218 -11.34 32.32 24.22
N PHE B 219 -10.53 32.56 23.19
CA PHE B 219 -9.77 31.49 22.54
C PHE B 219 -8.27 31.76 22.49
N THR B 220 -7.59 30.96 21.67
CA THR B 220 -6.15 31.05 21.51
C THR B 220 -5.71 30.45 20.16
N THR B 221 -5.05 31.29 19.36
CA THR B 221 -4.52 30.89 18.06
C THR B 221 -2.98 30.98 18.13
N LYS B 222 -2.28 30.75 17.02
CA LYS B 222 -0.80 30.81 17.04
C LYS B 222 -0.11 30.80 15.67
N VAL B 223 0.77 31.78 15.43
CA VAL B 223 1.51 31.85 14.16
C VAL B 223 2.95 31.45 14.35
N ARG B 224 3.58 31.13 13.22
CA ARG B 224 4.97 30.74 13.21
C ARG B 224 5.67 31.17 11.93
N LEU B 225 6.92 31.61 12.08
CA LEU B 225 7.74 31.97 10.93
C LEU B 225 8.79 30.87 10.85
N LEU B 226 8.72 30.16 9.73
CA LEU B 226 9.58 29.03 9.42
C LEU B 226 10.96 29.38 8.89
N VAL B 227 11.35 30.63 9.08
CA VAL B 227 12.66 31.10 8.69
C VAL B 227 13.21 31.49 10.05
N LYS B 228 13.61 30.46 10.79
CA LYS B 228 14.11 30.62 12.14
C LYS B 228 15.41 31.43 12.21
N PHE B 229 15.28 32.75 12.34
CA PHE B 229 16.42 33.65 12.43
C PHE B 229 16.53 34.27 13.81
N PRO B 230 17.62 33.94 14.53
CA PRO B 230 17.85 34.47 15.87
C PRO B 230 17.88 36.01 15.96
N GLU B 231 18.33 36.66 14.89
CA GLU B 231 18.42 38.12 14.83
C GLU B 231 17.04 38.73 14.91
N LEU B 232 16.09 38.10 14.21
CA LEU B 232 14.69 38.55 14.15
C LEU B 232 13.95 38.45 15.47
N ASN B 233 14.43 37.58 16.34
CA ASN B 233 13.82 37.37 17.63
C ASN B 233 13.41 38.67 18.34
N TYR B 234 12.15 38.71 18.77
CA TYR B 234 11.55 39.87 19.47
C TYR B 234 11.30 41.09 18.57
N GLN B 235 11.83 41.03 17.36
CA GLN B 235 11.72 42.12 16.43
C GLN B 235 10.43 42.14 15.60
N LEU B 236 9.53 41.20 15.83
CA LEU B 236 8.30 41.19 15.06
C LEU B 236 7.01 41.19 15.85
N LYS B 237 6.22 42.22 15.60
CA LYS B 237 4.94 42.40 16.27
C LYS B 237 3.82 41.97 15.31
N ILE B 238 3.05 40.98 15.72
CA ILE B 238 1.96 40.48 14.89
C ILE B 238 0.64 41.13 15.28
N LYS B 239 -0.12 41.54 14.27
CA LYS B 239 -1.41 42.15 14.54
C LYS B 239 -2.51 41.40 13.84
N VAL B 240 -3.28 40.68 14.64
CA VAL B 240 -4.39 39.89 14.14
C VAL B 240 -5.67 40.72 14.04
N CYS B 241 -6.23 40.79 12.85
CA CYS B 241 -7.47 41.52 12.65
C CYS B 241 -8.58 40.49 12.40
N ILE B 242 -9.63 40.89 11.68
CA ILE B 242 -10.73 40.00 11.39
C ILE B 242 -11.64 40.61 10.34
N ASP B 243 -11.65 39.94 9.20
CA ASP B 243 -12.45 40.39 8.08
C ASP B 243 -11.91 41.71 7.53
N LYS B 244 -11.52 41.69 6.26
CA LYS B 244 -10.98 42.87 5.58
C LYS B 244 -11.05 42.71 4.07
N ARG B 253 -20.52 39.13 1.13
CA ARG B 253 -21.44 40.24 1.15
C ARG B 253 -22.64 39.94 2.06
N GLY B 254 -23.27 40.99 2.57
CA GLY B 254 -24.43 40.88 3.45
C GLY B 254 -24.10 40.26 4.79
N SER B 255 -23.00 39.50 4.82
CA SER B 255 -22.55 38.80 6.01
C SER B 255 -22.34 39.69 7.23
N ARG B 256 -22.28 39.05 8.40
CA ARG B 256 -22.07 39.75 9.67
C ARG B 256 -20.58 40.01 9.87
N LYS B 257 -20.19 41.27 9.95
CA LYS B 257 -18.77 41.57 10.18
C LYS B 257 -18.54 41.63 11.68
N PHE B 258 -17.50 40.96 12.14
CA PHE B 258 -17.16 40.93 13.56
C PHE B 258 -15.90 41.73 13.84
N ASN B 259 -15.41 41.61 15.08
CA ASN B 259 -14.21 42.30 15.50
C ASN B 259 -13.64 41.62 16.72
N ILE B 260 -12.35 41.30 16.65
CA ILE B 260 -11.66 40.63 17.75
C ILE B 260 -11.36 41.63 18.85
N LEU B 261 -11.19 41.16 20.08
CA LEU B 261 -10.92 42.04 21.23
C LEU B 261 -9.84 41.52 22.21
N GLY B 262 -9.29 42.43 23.01
CA GLY B 262 -8.26 42.09 23.99
C GLY B 262 -6.86 42.49 23.55
N THR B 263 -5.86 41.71 23.96
CA THR B 263 -4.48 41.99 23.56
C THR B 263 -4.46 41.64 22.07
N ASN B 264 -4.90 42.61 21.28
CA ASN B 264 -5.00 42.50 19.85
C ASN B 264 -3.73 42.11 19.09
N THR B 265 -2.56 42.49 19.62
CA THR B 265 -1.30 42.17 18.96
C THR B 265 -0.32 41.46 19.89
N LYS B 266 0.58 40.70 19.28
CA LYS B 266 1.58 39.98 20.04
C LYS B 266 2.93 40.09 19.31
N VAL B 267 4.03 39.98 20.07
CA VAL B 267 5.37 40.07 19.49
C VAL B 267 5.90 38.66 19.26
N MET B 268 6.49 38.46 18.09
CA MET B 268 7.02 37.15 17.75
C MET B 268 8.37 36.94 18.40
N ASN B 269 8.54 35.78 19.00
CA ASN B 269 9.78 35.46 19.66
C ASN B 269 9.96 33.97 19.83
N MET B 270 11.21 33.58 20.03
CA MET B 270 11.58 32.19 20.21
C MET B 270 11.49 31.91 21.69
N GLU B 271 10.53 31.06 22.06
CA GLU B 271 10.29 30.70 23.46
C GLU B 271 10.57 29.20 23.68
N GLU B 272 9.50 28.41 23.51
CA GLU B 272 9.55 26.96 23.66
C GLU B 272 10.78 26.39 22.96
N ASN B 275 11.75 24.53 21.09
CA ASN B 275 12.55 24.43 19.86
C ASN B 275 13.12 25.81 19.48
N GLY B 276 12.82 26.81 20.31
CA GLY B 276 13.31 28.14 20.02
C GLY B 276 12.97 28.52 18.59
N SER B 277 11.72 28.30 18.20
CA SER B 277 11.26 28.62 16.86
C SER B 277 10.53 29.95 16.93
N LEU B 278 10.55 30.72 15.84
CA LEU B 278 9.91 32.02 15.83
C LEU B 278 8.39 31.94 15.82
N SER B 279 7.75 32.22 16.96
CA SER B 279 6.28 32.17 17.05
C SER B 279 5.67 33.10 18.09
N ALA B 280 4.38 33.42 17.87
CA ALA B 280 3.60 34.28 18.76
C ALA B 280 2.21 33.69 18.98
N GLU B 281 1.93 33.28 20.22
CA GLU B 281 0.64 32.69 20.59
C GLU B 281 -0.32 33.75 21.13
N PHE B 282 -1.56 33.74 20.64
CA PHE B 282 -2.53 34.73 21.09
C PHE B 282 -3.57 34.22 22.10
N LYS B 283 -3.11 33.83 23.29
CA LYS B 283 -4.02 33.37 24.33
C LYS B 283 -4.94 34.50 24.78
N HIS B 284 -6.13 34.16 25.26
CA HIS B 284 -7.08 35.15 25.75
C HIS B 284 -7.71 36.13 24.74
N LEU B 285 -8.06 35.62 23.56
CA LEU B 285 -8.70 36.46 22.55
C LEU B 285 -10.20 36.21 22.52
N THR B 286 -10.98 37.28 22.54
CA THR B 286 -12.44 37.18 22.53
C THR B 286 -13.02 37.79 21.25
N LEU B 287 -14.28 37.49 20.99
CA LEU B 287 -14.98 37.99 19.81
C LEU B 287 -16.27 38.70 20.19
N ARG B 288 -16.75 39.51 19.26
CA ARG B 288 -18.00 40.22 19.44
C ARG B 288 -18.39 40.62 18.03
N GLU B 289 -19.60 41.14 17.86
CA GLU B 289 -20.06 41.52 16.53
C GLU B 289 -20.29 43.02 16.32
N GLN B 290 -19.60 43.55 15.33
CA GLN B 290 -19.69 44.96 14.98
C GLN B 290 -21.07 45.26 14.38
N ARG B 291 -22.00 45.67 15.25
CA ARG B 291 -23.37 45.99 14.84
C ARG B 291 -23.55 47.42 14.27
N CYS B 292 -24.36 47.55 13.23
CA CYS B 292 -24.61 48.84 12.57
C CYS B 292 -23.31 49.54 12.17
N ILE B 305 -27.11 31.37 6.33
CA ILE B 305 -27.36 31.57 7.74
C ILE B 305 -26.10 31.43 8.62
N VAL B 306 -26.27 31.56 9.93
CA VAL B 306 -25.17 31.51 10.92
C VAL B 306 -24.11 30.39 10.92
N THR B 307 -24.54 29.13 10.91
CA THR B 307 -23.59 28.01 10.93
C THR B 307 -23.08 27.65 9.53
N GLU B 308 -23.44 28.48 8.56
CA GLU B 308 -23.02 28.29 7.17
C GLU B 308 -22.32 29.56 6.68
N GLU B 309 -21.92 30.39 7.64
CA GLU B 309 -21.23 31.65 7.36
C GLU B 309 -19.78 31.54 7.81
N LEU B 310 -18.87 31.77 6.86
CA LEU B 310 -17.44 31.69 7.13
C LEU B 310 -16.75 33.06 7.17
N HIS B 311 -15.82 33.20 8.11
CA HIS B 311 -15.04 34.43 8.27
C HIS B 311 -13.58 34.03 8.38
N LEU B 312 -12.68 34.91 7.96
CA LEU B 312 -11.24 34.65 8.00
C LEU B 312 -10.52 35.58 8.98
N ILE B 313 -9.48 35.07 9.62
CA ILE B 313 -8.71 35.88 10.56
C ILE B 313 -7.32 36.16 9.97
N THR B 314 -6.93 37.44 9.96
CA THR B 314 -5.62 37.79 9.39
C THR B 314 -4.57 38.26 10.39
N PHE B 315 -3.36 37.75 10.23
CA PHE B 315 -2.23 38.10 11.08
C PHE B 315 -1.30 38.88 10.19
N GLU B 316 -0.65 39.91 10.72
CA GLU B 316 0.26 40.71 9.91
C GLU B 316 1.37 41.33 10.74
N THR B 317 2.47 41.62 10.06
CA THR B 317 3.64 42.25 10.65
C THR B 317 4.58 42.46 9.49
N GLU B 318 5.27 43.61 9.50
CA GLU B 318 6.23 43.90 8.44
C GLU B 318 7.59 43.49 9.00
N VAL B 319 8.54 43.30 8.12
CA VAL B 319 9.88 42.94 8.55
C VAL B 319 10.88 43.81 7.83
N TYR B 320 11.91 44.24 8.57
CA TYR B 320 12.99 45.07 8.03
C TYR B 320 14.28 44.32 8.40
N HIS B 321 15.01 43.86 7.40
CA HIS B 321 16.22 43.10 7.66
C HIS B 321 17.26 43.31 6.56
N GLN B 322 18.53 43.33 6.97
CA GLN B 322 19.64 43.49 6.05
C GLN B 322 19.21 44.58 5.05
N GLY B 323 18.36 45.50 5.51
CA GLY B 323 17.90 46.59 4.67
C GLY B 323 16.83 46.29 3.64
N LEU B 324 15.74 45.66 4.08
CA LEU B 324 14.61 45.33 3.21
C LEU B 324 13.30 45.36 3.95
N LYS B 325 12.23 45.75 3.26
CA LYS B 325 10.91 45.77 3.88
C LYS B 325 10.09 44.65 3.26
N ILE B 326 9.67 43.72 4.10
CA ILE B 326 8.89 42.59 3.65
C ILE B 326 7.46 42.66 4.15
N ASP B 327 6.57 42.32 3.24
CA ASP B 327 5.12 42.32 3.43
C ASP B 327 4.61 40.96 3.95
N LEU B 328 4.65 40.76 5.26
CA LEU B 328 4.19 39.49 5.85
C LEU B 328 2.77 39.48 6.36
N GLU B 329 2.05 38.41 6.03
CA GLU B 329 0.65 38.24 6.41
C GLU B 329 0.10 36.87 5.99
N THR B 330 -0.56 36.18 6.93
CA THR B 330 -1.15 34.87 6.68
C THR B 330 -2.56 34.92 7.29
N HIS B 331 -3.37 33.90 7.06
CA HIS B 331 -4.72 33.84 7.64
C HIS B 331 -5.07 32.40 8.06
N SER B 332 -6.19 32.24 8.76
CA SER B 332 -6.59 30.92 9.21
C SER B 332 -7.65 30.31 8.32
N LEU B 333 -7.83 29.00 8.50
CA LEU B 333 -8.83 28.28 7.74
C LEU B 333 -10.19 28.88 8.04
N PRO B 334 -11.03 29.12 7.02
CA PRO B 334 -12.35 29.71 7.23
C PRO B 334 -13.02 29.25 8.55
N VAL B 335 -13.61 30.20 9.27
CA VAL B 335 -14.27 29.92 10.55
C VAL B 335 -15.73 30.28 10.62
N VAL B 336 -16.49 29.42 11.29
CA VAL B 336 -17.90 29.66 11.51
C VAL B 336 -18.03 30.19 12.93
N VAL B 337 -18.65 31.35 13.05
CA VAL B 337 -18.85 31.97 14.35
C VAL B 337 -20.30 31.72 14.76
N ILE B 338 -20.46 31.29 16.00
CA ILE B 338 -21.76 30.98 16.55
C ILE B 338 -22.18 31.93 17.66
N SER B 339 -23.48 31.92 17.97
CA SER B 339 -24.06 32.77 19.00
C SER B 339 -24.27 31.91 20.26
N ASN B 340 -25.04 30.83 20.12
CA ASN B 340 -25.30 29.93 21.23
C ASN B 340 -24.62 28.59 20.97
N ILE B 341 -24.24 27.92 22.05
CA ILE B 341 -23.57 26.62 22.01
C ILE B 341 -24.43 25.53 21.38
N CYS B 342 -25.64 25.90 20.95
CA CYS B 342 -26.58 24.97 20.32
C CYS B 342 -26.26 24.84 18.83
N GLN B 343 -25.67 25.90 18.27
CA GLN B 343 -25.30 25.90 16.87
C GLN B 343 -23.97 25.19 16.70
N MET B 344 -23.40 24.77 17.83
CA MET B 344 -22.11 24.07 17.88
C MET B 344 -21.99 23.02 16.79
N PRO B 345 -22.88 22.03 16.78
CA PRO B 345 -22.82 20.98 15.77
C PRO B 345 -23.08 21.42 14.32
N ASN B 346 -24.22 22.05 14.08
CA ASN B 346 -24.56 22.50 12.72
C ASN B 346 -23.44 23.24 12.00
N ALA B 347 -22.52 23.80 12.79
CA ALA B 347 -21.36 24.54 12.28
C ALA B 347 -20.20 23.56 12.09
N TRP B 348 -19.85 22.86 13.17
CA TRP B 348 -18.78 21.87 13.13
C TRP B 348 -19.00 21.03 11.87
N ALA B 349 -20.26 20.98 11.46
CA ALA B 349 -20.69 20.25 10.27
C ALA B 349 -20.12 20.95 9.04
N SER B 350 -20.35 22.26 8.98
CA SER B 350 -19.87 23.08 7.88
C SER B 350 -18.35 22.95 7.82
N ILE B 351 -17.70 23.06 8.99
CA ILE B 351 -16.25 22.93 9.11
C ILE B 351 -15.84 21.70 8.33
N LEU B 352 -16.21 20.54 8.87
CA LEU B 352 -15.93 19.25 8.26
C LEU B 352 -16.20 19.24 6.76
N TRP B 353 -17.41 19.65 6.36
CA TRP B 353 -17.79 19.66 4.94
C TRP B 353 -16.83 20.47 4.09
N TYR B 354 -16.27 21.54 4.63
CA TYR B 354 -15.35 22.39 3.89
C TYR B 354 -13.97 21.73 3.72
N ASN B 355 -13.42 21.22 4.82
CA ASN B 355 -12.12 20.58 4.76
C ASN B 355 -12.19 19.34 3.89
N MET B 356 -13.11 18.44 4.22
CA MET B 356 -13.27 17.20 3.47
C MET B 356 -13.27 17.42 1.95
N LEU B 357 -13.72 18.58 1.51
CA LEU B 357 -13.77 18.86 0.09
C LEU B 357 -12.67 19.81 -0.41
N THR B 358 -13.03 21.07 -0.66
CA THR B 358 -12.06 22.04 -1.15
C THR B 358 -10.90 22.24 -0.16
N ASN B 359 -9.70 22.39 -0.70
CA ASN B 359 -8.53 22.63 0.12
C ASN B 359 -8.16 24.09 -0.01
N ASN B 360 -9.08 24.88 -0.57
CA ASN B 360 -8.92 26.32 -0.76
C ASN B 360 -8.97 26.93 0.64
N PRO B 361 -7.96 27.73 1.03
CA PRO B 361 -7.94 28.34 2.37
C PRO B 361 -8.82 29.58 2.47
N LYS B 362 -8.96 30.27 1.34
CA LYS B 362 -9.76 31.50 1.24
C LYS B 362 -10.96 31.34 0.30
N ASN B 363 -12.09 30.93 0.87
CA ASN B 363 -13.32 30.78 0.11
C ASN B 363 -14.45 30.61 1.11
N VAL B 364 -14.78 31.72 1.75
CA VAL B 364 -15.83 31.78 2.75
C VAL B 364 -17.22 31.45 2.18
N ASN B 365 -17.43 31.87 0.94
CA ASN B 365 -18.67 31.64 0.22
C ASN B 365 -18.63 30.23 -0.36
N PHE B 366 -18.29 29.27 0.50
CA PHE B 366 -18.18 27.85 0.14
C PHE B 366 -19.58 27.26 0.00
N PHE B 367 -20.48 27.69 0.89
CA PHE B 367 -21.86 27.21 0.89
C PHE B 367 -22.80 27.96 -0.07
N THR B 368 -22.21 28.80 -0.91
CA THR B 368 -22.96 29.55 -1.92
C THR B 368 -23.42 28.49 -2.92
N LYS B 369 -22.85 27.28 -2.78
CA LYS B 369 -23.18 26.16 -3.66
C LYS B 369 -22.39 24.90 -3.26
N PRO B 370 -22.48 24.48 -1.98
CA PRO B 370 -21.79 23.31 -1.42
C PRO B 370 -21.62 22.17 -2.43
N PRO B 371 -20.42 21.59 -2.52
CA PRO B 371 -20.19 20.49 -3.45
C PRO B 371 -20.78 19.17 -2.96
N ILE B 372 -20.73 18.14 -3.80
CA ILE B 372 -21.25 16.82 -3.45
C ILE B 372 -20.15 16.03 -2.72
N GLY B 373 -20.45 14.84 -2.22
CA GLY B 373 -19.41 14.08 -1.54
C GLY B 373 -19.66 12.60 -1.37
N THR B 374 -19.14 11.80 -2.30
CA THR B 374 -19.29 10.35 -2.25
C THR B 374 -19.17 9.82 -0.82
N TRP B 375 -20.02 8.86 -0.49
CA TRP B 375 -20.02 8.27 0.83
C TRP B 375 -18.59 7.99 1.32
N ASP B 376 -17.80 7.27 0.53
CA ASP B 376 -16.41 6.92 0.89
C ASP B 376 -15.70 7.94 1.77
N GLN B 377 -15.57 9.16 1.22
CA GLN B 377 -14.93 10.27 1.91
C GLN B 377 -15.60 10.50 3.25
N VAL B 378 -16.89 10.79 3.17
CA VAL B 378 -17.72 11.02 4.34
C VAL B 378 -17.48 9.94 5.38
N ALA B 379 -17.56 8.69 4.92
CA ALA B 379 -17.38 7.49 5.74
C ALA B 379 -16.10 7.59 6.55
N GLU B 380 -15.02 7.85 5.85
CA GLU B 380 -13.72 7.99 6.46
C GLU B 380 -13.76 9.08 7.51
N VAL B 381 -14.15 10.27 7.06
CA VAL B 381 -14.24 11.45 7.92
C VAL B 381 -14.96 11.12 9.23
N LEU B 382 -16.13 10.51 9.11
CA LEU B 382 -16.94 10.12 10.26
C LEU B 382 -16.14 9.23 11.19
N SER B 383 -15.51 8.21 10.62
CA SER B 383 -14.68 7.29 11.40
C SER B 383 -13.74 8.08 12.31
N TRP B 384 -13.01 9.01 11.70
CA TRP B 384 -12.05 9.83 12.42
C TRP B 384 -12.54 10.38 13.74
N GLN B 385 -13.71 11.00 13.73
CA GLN B 385 -14.28 11.58 14.93
C GLN B 385 -14.12 10.66 16.14
N PHE B 386 -14.28 9.36 15.89
CA PHE B 386 -14.16 8.34 16.92
C PHE B 386 -12.71 8.06 17.24
N SER B 387 -11.94 7.78 16.20
CA SER B 387 -10.52 7.49 16.35
C SER B 387 -9.79 8.66 17.02
N SER B 388 -10.23 9.89 16.72
CA SER B 388 -9.63 11.08 17.30
C SER B 388 -9.69 11.02 18.82
N THR B 389 -10.90 11.16 19.33
CA THR B 389 -11.15 11.12 20.77
C THR B 389 -10.86 9.73 21.36
N THR B 390 -11.62 8.74 20.94
CA THR B 390 -11.43 7.37 21.45
C THR B 390 -10.26 6.65 20.82
N LYS B 391 -10.16 5.37 21.15
CA LYS B 391 -9.13 4.50 20.65
C LYS B 391 -9.76 3.66 19.54
N ARG B 392 -10.89 4.13 19.01
CA ARG B 392 -11.58 3.42 17.92
C ARG B 392 -12.50 4.27 17.08
N GLY B 393 -12.56 3.93 15.79
CA GLY B 393 -13.42 4.63 14.86
C GLY B 393 -14.60 3.72 14.57
N LEU B 394 -14.97 3.61 13.30
CA LEU B 394 -16.10 2.76 12.93
C LEU B 394 -15.70 1.66 11.96
N SER B 395 -16.02 0.40 12.30
CA SER B 395 -15.71 -0.72 11.42
C SER B 395 -16.54 -0.53 10.15
N ILE B 396 -16.18 -1.20 9.07
CA ILE B 396 -16.94 -1.06 7.85
C ILE B 396 -18.33 -1.65 8.08
N GLU B 397 -18.48 -2.34 9.20
CA GLU B 397 -19.78 -2.91 9.57
C GLU B 397 -20.68 -1.78 10.05
N GLN B 398 -20.34 -1.17 11.20
CA GLN B 398 -21.14 -0.10 11.74
C GLN B 398 -21.23 1.07 10.75
N LEU B 399 -20.23 1.14 9.89
CA LEU B 399 -20.16 2.16 8.86
C LEU B 399 -21.16 1.93 7.72
N THR B 400 -21.69 0.71 7.64
CA THR B 400 -22.64 0.33 6.57
C THR B 400 -24.09 0.50 6.96
N THR B 401 -24.41 0.05 8.18
CA THR B 401 -25.76 0.17 8.70
C THR B 401 -26.00 1.66 8.85
N LEU B 402 -24.89 2.41 8.72
CA LEU B 402 -24.89 3.87 8.84
C LEU B 402 -24.85 4.54 7.46
N ALA B 403 -24.35 3.82 6.45
CA ALA B 403 -24.26 4.32 5.08
C ALA B 403 -25.64 4.27 4.48
N GLU B 404 -26.40 3.29 4.96
CA GLU B 404 -27.76 3.01 4.56
C GLU B 404 -28.68 3.89 5.40
N LYS B 405 -28.26 4.13 6.64
CA LYS B 405 -29.01 4.96 7.59
C LYS B 405 -29.07 6.37 7.03
N LEU B 406 -28.46 6.57 5.86
CA LEU B 406 -28.41 7.87 5.20
C LEU B 406 -28.92 7.77 3.76
N LEU B 407 -28.29 6.90 2.97
CA LEU B 407 -28.65 6.70 1.57
C LEU B 407 -29.78 5.69 1.39
N GLY B 408 -30.17 5.03 2.46
CA GLY B 408 -31.26 4.07 2.37
C GLY B 408 -30.80 2.71 1.86
N PRO B 409 -31.68 1.98 1.15
CA PRO B 409 -31.44 0.65 0.59
C PRO B 409 -30.62 0.68 -0.69
N GLY B 410 -29.64 -0.21 -0.75
CA GLY B 410 -28.79 -0.31 -1.92
C GLY B 410 -27.52 -1.06 -1.57
N VAL B 411 -26.83 -1.54 -2.61
CA VAL B 411 -25.59 -2.28 -2.41
C VAL B 411 -24.38 -1.45 -2.82
N ASN B 412 -23.29 -1.60 -2.09
CA ASN B 412 -22.07 -0.86 -2.37
C ASN B 412 -22.27 0.67 -2.41
N TYR B 413 -22.13 1.30 -1.26
CA TYR B 413 -22.28 2.74 -1.15
C TYR B 413 -20.91 3.40 -1.34
N SER B 414 -20.48 3.58 -2.58
CA SER B 414 -19.18 4.19 -2.83
C SER B 414 -19.27 5.46 -3.67
N GLY B 415 -19.58 5.32 -4.96
CA GLY B 415 -19.69 6.50 -5.80
C GLY B 415 -20.96 7.25 -5.45
N CYS B 416 -21.66 6.74 -4.44
CA CYS B 416 -22.92 7.28 -3.94
C CYS B 416 -22.84 8.73 -3.47
N GLN B 417 -23.05 9.66 -4.39
CA GLN B 417 -23.02 11.09 -4.10
C GLN B 417 -24.00 11.56 -3.04
N ILE B 418 -23.48 12.31 -2.07
CA ILE B 418 -24.26 12.85 -0.99
C ILE B 418 -24.15 14.36 -1.07
N THR B 419 -25.27 15.07 -0.99
CA THR B 419 -25.23 16.52 -1.06
C THR B 419 -25.14 17.09 0.37
N TRP B 420 -24.82 18.38 0.47
CA TRP B 420 -24.69 19.04 1.77
C TRP B 420 -26.02 18.91 2.51
N ALA B 421 -27.08 19.26 1.79
CA ALA B 421 -28.43 19.19 2.31
C ALA B 421 -28.61 17.84 3.00
N LYS B 422 -28.57 16.79 2.19
CA LYS B 422 -28.69 15.41 2.61
C LYS B 422 -28.02 15.19 3.97
N PHE B 423 -26.71 15.46 4.02
CA PHE B 423 -25.93 15.27 5.24
C PHE B 423 -26.58 15.72 6.56
N CYS B 424 -26.97 16.98 6.64
CA CYS B 424 -27.58 17.47 7.87
C CYS B 424 -28.65 18.53 7.62
N LYS B 425 -28.58 19.20 6.46
CA LYS B 425 -29.55 20.24 6.11
C LYS B 425 -30.94 19.62 5.99
N GLU B 426 -31.00 18.29 5.98
CA GLU B 426 -32.26 17.53 5.85
C GLU B 426 -32.52 16.55 7.00
N ASN B 427 -33.80 16.39 7.35
CA ASN B 427 -34.21 15.47 8.41
C ASN B 427 -34.36 14.04 7.92
N MET B 428 -34.02 13.09 8.78
CA MET B 428 -34.10 11.67 8.46
C MET B 428 -35.51 11.26 8.11
N ALA B 429 -35.60 10.33 7.16
CA ALA B 429 -36.86 9.80 6.68
C ALA B 429 -37.98 9.99 7.70
N GLY B 430 -38.16 9.00 8.57
CA GLY B 430 -39.19 9.08 9.57
C GLY B 430 -38.87 10.06 10.67
N LYS B 431 -37.67 9.91 11.24
CA LYS B 431 -37.19 10.76 12.33
C LYS B 431 -37.60 12.25 12.30
N GLY B 432 -37.54 12.88 13.48
CA GLY B 432 -37.88 14.28 13.62
C GLY B 432 -36.68 15.19 13.67
N PHE B 433 -35.53 14.72 13.17
CA PHE B 433 -34.29 15.49 13.12
C PHE B 433 -33.41 15.06 11.93
N SER B 434 -32.14 15.49 11.91
CA SER B 434 -31.24 15.17 10.80
C SER B 434 -30.21 14.07 11.05
N PHE B 435 -29.49 13.72 10.00
CA PHE B 435 -28.47 12.69 10.09
C PHE B 435 -27.38 13.12 11.06
N TRP B 436 -26.67 14.18 10.67
CA TRP B 436 -25.60 14.73 11.48
C TRP B 436 -26.04 15.03 12.91
N VAL B 437 -26.99 15.94 13.05
CA VAL B 437 -27.51 16.34 14.34
C VAL B 437 -27.66 15.16 15.30
N TRP B 438 -28.29 14.11 14.81
CA TRP B 438 -28.51 12.88 15.59
C TRP B 438 -27.18 12.30 16.03
N LEU B 439 -26.30 12.13 15.04
CA LEU B 439 -25.00 11.54 15.23
C LEU B 439 -24.05 12.31 16.16
N ASP B 440 -24.12 13.63 16.16
CA ASP B 440 -23.23 14.45 17.00
C ASP B 440 -23.28 14.06 18.48
N ASN B 441 -24.48 13.71 18.94
CA ASN B 441 -24.69 13.32 20.35
C ASN B 441 -24.27 11.89 20.58
N ILE B 442 -24.37 11.10 19.51
CA ILE B 442 -23.99 9.71 19.56
C ILE B 442 -22.48 9.70 19.79
N ILE B 443 -21.84 10.79 19.39
CA ILE B 443 -20.41 10.99 19.55
C ILE B 443 -20.16 11.45 20.98
N ASP B 444 -20.67 12.66 21.26
CA ASP B 444 -20.56 13.26 22.57
C ASP B 444 -20.96 12.24 23.63
N LEU B 445 -21.85 11.33 23.25
CA LEU B 445 -22.28 10.30 24.18
C LEU B 445 -21.04 9.45 24.44
N VAL B 446 -20.57 8.78 23.39
CA VAL B 446 -19.40 7.89 23.48
C VAL B 446 -18.22 8.56 24.18
N LYS B 447 -17.93 9.80 23.78
CA LYS B 447 -16.84 10.55 24.37
C LYS B 447 -17.10 10.75 25.86
N LYS B 448 -18.00 11.66 26.18
CA LYS B 448 -18.35 11.94 27.57
C LYS B 448 -18.74 10.70 28.37
N TYR B 449 -19.92 10.14 28.06
CA TYR B 449 -20.43 8.98 28.76
C TYR B 449 -20.24 7.69 27.98
N ILE B 450 -19.73 6.65 28.64
CA ILE B 450 -19.51 5.38 27.97
C ILE B 450 -18.34 5.55 27.02
N LEU B 451 -17.23 5.96 27.61
CA LEU B 451 -16.03 6.20 26.86
C LEU B 451 -15.13 4.99 26.90
N ALA B 452 -14.55 4.72 28.08
CA ALA B 452 -13.68 3.57 28.28
C ALA B 452 -14.59 2.35 28.23
N LEU B 453 -15.89 2.65 28.18
CA LEU B 453 -16.92 1.62 28.12
C LEU B 453 -17.03 1.16 26.64
N TRP B 454 -16.76 2.06 25.69
CA TRP B 454 -16.79 1.74 24.26
C TRP B 454 -15.39 1.29 23.83
N ASN B 455 -14.45 1.47 24.75
CA ASN B 455 -13.03 1.14 24.59
C ASN B 455 -12.73 -0.11 23.76
N GLU B 456 -13.16 -1.27 24.26
CA GLU B 456 -12.93 -2.56 23.60
C GLU B 456 -14.12 -2.96 22.74
N GLY B 457 -14.59 -2.03 21.91
CA GLY B 457 -15.73 -2.32 21.07
C GLY B 457 -16.95 -2.33 21.96
N TYR B 458 -17.30 -3.52 22.46
CA TYR B 458 -18.45 -3.73 23.35
C TYR B 458 -19.75 -3.13 22.82
N ILE B 459 -19.62 -2.10 22.01
CA ILE B 459 -20.75 -1.40 21.44
C ILE B 459 -20.92 -1.65 19.94
N MET B 460 -21.99 -2.35 19.59
CA MET B 460 -22.29 -2.62 18.20
C MET B 460 -22.71 -1.27 17.63
N GLY B 461 -23.12 -0.40 18.53
CA GLY B 461 -23.56 0.93 18.15
C GLY B 461 -24.57 0.93 17.02
N PHE B 462 -24.06 0.86 15.80
CA PHE B 462 -24.88 0.89 14.61
C PHE B 462 -25.10 -0.51 14.02
N ILE B 463 -26.36 -0.92 13.97
CA ILE B 463 -26.75 -2.22 13.44
C ILE B 463 -28.24 -2.14 13.13
N SER B 464 -28.60 -2.33 11.86
CA SER B 464 -29.99 -2.27 11.42
C SER B 464 -30.87 -3.04 12.40
N LYS B 465 -31.87 -2.38 12.97
CA LYS B 465 -32.80 -3.03 13.92
C LYS B 465 -33.12 -4.40 13.34
N GLU B 466 -33.21 -4.44 12.02
CA GLU B 466 -33.48 -5.67 11.31
C GLU B 466 -32.30 -6.61 11.54
N ARG B 467 -31.17 -6.33 10.88
CA ARG B 467 -29.95 -7.12 10.98
C ARG B 467 -29.69 -7.54 12.42
N GLU B 468 -30.27 -6.78 13.34
CA GLU B 468 -30.16 -7.01 14.76
C GLU B 468 -30.91 -8.28 15.17
N ARG B 469 -31.48 -8.97 14.18
CA ARG B 469 -32.22 -10.22 14.39
C ARG B 469 -31.26 -11.41 14.44
N ALA B 470 -30.20 -11.33 13.63
CA ALA B 470 -29.18 -12.36 13.58
C ALA B 470 -28.34 -12.26 14.85
N ILE B 471 -29.02 -12.18 16.00
CA ILE B 471 -28.33 -12.05 17.28
C ILE B 471 -28.67 -13.17 18.27
N LEU B 472 -29.91 -13.18 18.78
CA LEU B 472 -30.34 -14.20 19.72
C LEU B 472 -30.78 -15.31 18.76
N SER B 473 -31.16 -14.89 17.54
CA SER B 473 -31.58 -15.82 16.50
C SER B 473 -30.34 -16.47 15.91
N THR B 474 -29.58 -17.07 16.82
CA THR B 474 -28.35 -17.77 16.50
C THR B 474 -27.64 -18.15 17.80
N LYS B 475 -27.35 -17.15 18.64
CA LYS B 475 -26.67 -17.39 19.90
C LYS B 475 -27.63 -17.94 20.96
N PRO B 476 -27.12 -18.28 22.17
CA PRO B 476 -27.99 -18.81 23.23
C PRO B 476 -28.95 -17.75 23.77
N PRO B 477 -30.26 -18.06 23.90
CA PRO B 477 -31.19 -17.04 24.42
C PRO B 477 -30.59 -16.33 25.63
N GLY B 478 -30.52 -15.00 25.55
CA GLY B 478 -29.95 -14.25 26.65
C GLY B 478 -28.75 -13.40 26.25
N THR B 479 -28.01 -13.81 25.22
CA THR B 479 -26.85 -13.01 24.77
C THR B 479 -27.36 -11.64 24.34
N PHE B 480 -26.52 -10.61 24.43
CA PHE B 480 -26.97 -9.26 24.08
C PHE B 480 -26.02 -8.34 23.30
N LEU B 481 -26.61 -7.31 22.69
CA LEU B 481 -25.92 -6.28 21.91
C LEU B 481 -25.73 -5.01 22.74
N LEU B 482 -25.68 -3.87 22.05
CA LEU B 482 -25.53 -2.54 22.65
C LEU B 482 -25.59 -1.50 21.53
N ARG B 483 -26.79 -1.04 21.21
CA ARG B 483 -26.98 -0.07 20.14
C ARG B 483 -27.31 1.35 20.61
N PHE B 484 -27.42 2.27 19.66
CA PHE B 484 -27.77 3.66 19.93
C PHE B 484 -29.18 3.86 19.38
N SER B 485 -30.06 4.50 20.14
CA SER B 485 -31.41 4.69 19.65
C SER B 485 -31.38 5.51 18.37
N GLU B 486 -32.06 5.02 17.33
CA GLU B 486 -32.11 5.69 16.02
C GLU B 486 -33.17 6.77 16.02
N SER B 487 -34.07 6.68 16.99
CA SER B 487 -35.17 7.60 17.15
C SER B 487 -34.88 8.84 18.02
N SER B 488 -34.07 8.69 19.07
CA SER B 488 -33.74 9.81 19.96
C SER B 488 -32.58 10.70 19.52
N LYS B 489 -32.89 11.99 19.36
CA LYS B 489 -31.94 13.01 18.93
C LYS B 489 -30.81 13.28 19.93
N GLU B 490 -31.09 13.15 21.23
CA GLU B 490 -30.09 13.42 22.27
C GLU B 490 -29.20 12.22 22.65
N GLY B 491 -29.18 11.21 21.79
CA GLY B 491 -28.36 10.02 22.04
C GLY B 491 -28.90 9.04 23.06
N GLY B 492 -29.07 7.79 22.64
CA GLY B 492 -29.58 6.76 23.52
C GLY B 492 -28.92 5.41 23.33
N VAL B 493 -28.42 4.86 24.42
CA VAL B 493 -27.76 3.57 24.39
C VAL B 493 -28.59 2.46 25.04
N THR B 494 -29.24 1.65 24.21
CA THR B 494 -30.11 0.56 24.66
C THR B 494 -29.38 -0.81 24.62
N PHE B 495 -30.14 -1.91 24.58
CA PHE B 495 -29.59 -3.27 24.53
C PHE B 495 -30.60 -4.31 24.03
N THR B 496 -30.12 -5.43 23.49
CA THR B 496 -31.01 -6.46 22.95
C THR B 496 -30.80 -7.89 23.47
N TRP B 497 -31.83 -8.73 23.29
CA TRP B 497 -31.84 -10.12 23.73
C TRP B 497 -32.94 -10.91 23.00
N LYS B 505 -40.06 -18.85 19.13
CA LYS B 505 -38.89 -18.34 18.44
C LYS B 505 -38.03 -17.48 19.38
N THR B 506 -38.04 -17.73 20.68
CA THR B 506 -37.31 -16.87 21.61
C THR B 506 -37.10 -15.50 20.97
N GLN B 507 -38.17 -14.72 20.87
CA GLN B 507 -38.15 -13.42 20.19
C GLN B 507 -37.07 -12.47 20.68
N ILE B 508 -37.10 -11.24 20.18
CA ILE B 508 -36.12 -10.23 20.55
C ILE B 508 -36.75 -9.02 21.24
N GLN B 509 -36.01 -8.39 22.15
CA GLN B 509 -36.54 -7.23 22.88
C GLN B 509 -35.53 -6.18 23.33
N SER B 510 -35.62 -4.98 22.75
CA SER B 510 -34.72 -3.86 23.10
C SER B 510 -35.43 -2.82 23.99
N VAL B 511 -34.99 -2.66 25.24
CA VAL B 511 -35.64 -1.72 26.17
C VAL B 511 -35.64 -0.25 25.74
N GLU B 512 -36.10 0.60 26.66
CA GLU B 512 -36.16 2.05 26.45
C GLU B 512 -34.75 2.63 26.53
N PRO B 513 -34.34 3.42 25.52
CA PRO B 513 -32.99 4.00 25.55
C PRO B 513 -32.74 4.82 26.82
N TYR B 514 -31.47 5.12 27.09
CA TYR B 514 -31.10 5.90 28.25
C TYR B 514 -30.22 7.10 27.83
N THR B 515 -30.76 8.31 28.00
CA THR B 515 -30.06 9.54 27.61
C THR B 515 -29.03 10.05 28.61
N LYS B 516 -28.23 10.99 28.13
CA LYS B 516 -27.16 11.63 28.89
C LYS B 516 -27.51 11.97 30.34
N GLN B 517 -28.65 12.62 30.56
CA GLN B 517 -29.07 12.97 31.92
C GLN B 517 -29.07 11.75 32.83
N GLN B 518 -29.37 10.60 32.25
CA GLN B 518 -29.43 9.34 33.00
C GLN B 518 -28.02 8.93 33.39
N LEU B 519 -27.15 8.90 32.39
CA LEU B 519 -25.75 8.51 32.55
C LEU B 519 -25.04 9.43 33.55
N ASN B 520 -25.84 10.11 34.38
CA ASN B 520 -25.37 11.02 35.41
C ASN B 520 -25.77 10.50 36.79
N PHE B 524 -23.45 3.32 33.30
CA PHE B 524 -24.04 2.38 32.36
C PHE B 524 -23.46 1.02 32.60
N ALA B 525 -22.28 0.98 33.22
CA ALA B 525 -21.63 -0.28 33.54
C ALA B 525 -22.49 -0.98 34.59
N GLU B 526 -23.45 -0.23 35.13
CA GLU B 526 -24.36 -0.71 36.16
C GLU B 526 -25.75 -1.05 35.62
N ILE B 527 -26.22 -0.29 34.64
CA ILE B 527 -27.53 -0.53 34.02
C ILE B 527 -27.47 -1.90 33.34
N ILE B 528 -26.24 -2.40 33.23
CA ILE B 528 -25.94 -3.67 32.61
C ILE B 528 -25.63 -4.72 33.68
N MET B 529 -25.73 -4.31 34.94
CA MET B 529 -25.47 -5.19 36.05
C MET B 529 -26.64 -5.17 37.02
N GLY B 530 -27.58 -4.28 36.76
CA GLY B 530 -28.74 -4.16 37.61
C GLY B 530 -30.01 -4.64 36.95
N TYR B 531 -30.54 -3.82 36.04
CA TYR B 531 -31.79 -4.09 35.32
C TYR B 531 -32.36 -5.48 35.54
N LYS B 532 -33.42 -5.56 36.36
CA LYS B 532 -34.08 -6.82 36.71
C LYS B 532 -35.29 -7.12 35.81
N THR B 537 -45.67 -13.52 36.19
CA THR B 537 -44.81 -14.45 36.92
C THR B 537 -44.05 -13.74 38.05
N ASN B 538 -44.12 -12.40 38.04
CA ASN B 538 -43.50 -11.48 39.01
C ASN B 538 -42.01 -11.65 39.40
N ILE B 539 -41.47 -12.86 39.32
CA ILE B 539 -40.06 -13.12 39.68
C ILE B 539 -39.21 -12.06 38.97
N LEU B 540 -38.72 -11.07 39.70
CA LEU B 540 -37.88 -10.04 39.09
C LEU B 540 -36.67 -10.77 38.51
N VAL B 541 -36.82 -11.19 37.25
CA VAL B 541 -35.80 -11.93 36.52
C VAL B 541 -34.40 -11.31 36.47
N SER B 542 -33.54 -11.86 35.62
CA SER B 542 -32.18 -11.37 35.50
C SER B 542 -31.86 -10.75 34.14
N PRO B 543 -30.74 -10.02 34.08
CA PRO B 543 -30.27 -9.35 32.87
C PRO B 543 -29.56 -10.30 31.90
N LEU B 544 -30.32 -10.80 30.95
CA LEU B 544 -29.85 -11.72 29.90
C LEU B 544 -28.30 -11.69 29.75
N VAL B 545 -27.63 -12.84 29.97
CA VAL B 545 -26.15 -12.90 29.89
C VAL B 545 -25.52 -13.20 28.53
N TYR B 546 -24.20 -13.03 28.48
CA TYR B 546 -23.37 -13.24 27.30
C TYR B 546 -23.47 -12.10 26.31
N LEU B 547 -22.36 -11.39 26.09
CA LEU B 547 -22.35 -10.30 25.12
C LEU B 547 -22.52 -11.03 23.80
N TYR B 548 -22.79 -10.33 22.70
CA TYR B 548 -23.01 -11.04 21.43
C TYR B 548 -22.14 -12.28 21.27
N PRO B 549 -20.82 -12.10 21.25
CA PRO B 549 -19.95 -13.26 21.08
C PRO B 549 -20.49 -14.47 21.84
N ASP B 550 -20.35 -14.42 23.15
CA ASP B 550 -20.77 -15.51 24.01
C ASP B 550 -20.14 -15.19 25.36
N ILE B 551 -19.67 -13.95 25.47
CA ILE B 551 -19.00 -13.49 26.66
C ILE B 551 -19.95 -13.24 27.83
N PRO B 552 -19.87 -14.08 28.87
CA PRO B 552 -20.77 -13.85 30.01
C PRO B 552 -20.43 -12.46 30.57
N LYS B 553 -21.45 -11.62 30.67
CA LYS B 553 -21.30 -10.25 31.13
C LYS B 553 -20.59 -10.02 32.48
N GLU B 554 -19.37 -10.52 32.61
CA GLU B 554 -18.63 -10.36 33.87
C GLU B 554 -17.14 -10.05 33.68
N GLU B 555 -16.54 -10.54 32.58
CA GLU B 555 -15.13 -10.26 32.31
C GLU B 555 -15.11 -8.96 31.50
N ALA B 556 -16.30 -8.52 31.12
CA ALA B 556 -16.48 -7.31 30.34
C ALA B 556 -17.09 -6.22 31.22
N PHE B 557 -18.38 -6.37 31.50
CA PHE B 557 -19.13 -5.42 32.30
C PHE B 557 -18.77 -5.51 33.78
N GLY B 558 -18.38 -6.71 34.21
CA GLY B 558 -18.04 -6.93 35.61
C GLY B 558 -16.59 -6.67 35.98
N LYS B 559 -16.17 -5.40 35.83
CA LYS B 559 -14.82 -4.95 36.15
C LYS B 559 -14.90 -3.45 36.39
N TYR B 560 -15.82 -2.81 35.69
CA TYR B 560 -16.03 -1.35 35.77
C TYR B 560 -17.29 -1.09 36.59
N CYS B 561 -17.44 -1.78 37.71
CA CYS B 561 -18.62 -1.62 38.56
C CYS B 561 -18.29 -1.18 39.99
N ARG B 562 -19.31 -0.98 40.80
CA ARG B 562 -19.11 -0.54 42.18
C ARG B 562 -19.41 -1.61 43.25
#